data_5K6Z
#
_entry.id   5K6Z
#
_cell.length_a   78.350
_cell.length_b   85.730
_cell.length_c   146.350
_cell.angle_alpha   90.00
_cell.angle_beta   90.00
_cell.angle_gamma   90.00
#
_symmetry.space_group_name_H-M   'P 2 21 21'
#
loop_
_entity.id
_entity.type
_entity.pdbx_description
1 polymer 'Protein sidekick-2,Protein sidekick-1 chimera'
2 branched 2-acetamido-2-deoxy-beta-D-glucopyranose-(1-4)-2-acetamido-2-deoxy-beta-D-glucopyranose
3 non-polymer 2-acetamido-2-deoxy-beta-D-glucopyranose
4 non-polymer (4S)-2-METHYL-2,4-PENTANEDIOL
5 non-polymer 'CACODYLATE ION'
6 water water
#
_entity_poly.entity_id   1
_entity_poly.type   'polypeptide(L)'
_entity_poly.pdbx_seq_one_letter_code
;GPAGAQDDVPPYFKTEPVRTQVHLEGNRLVLTCMAEGSWPLEFKWLHNNRELTRFSLEYRYMITSLDRTHAGFYRCIVRN
RMGALLQRQTEVQVAYMGSFEEGEKRQSVNHGEAAVIRAPRISSFPRPQVTWFRDGRKIPPSSRIAITLENTLVILSTVA
PDAGRYYVQAVNDKNGDNKTSQPITLAVENVGGTHEAMAPIIVVAPGNRSVVAGSSETTLECIANARPVEELSVHWKRNG
VRLTSGLHSYGRRLTITNPTSADTGMYVCEATLRGSTFEPARARAFLSIIEPPYFTAEPESRILGEVEETMDIPCRAMGV
PLPTLQWYKDAVPLSKLQNPRYKVLPSGGLHIQKLSPEDSGIFQCFASNEGGEVQTHTYLDVTN
;
_entity_poly.pdbx_strand_id   A,B
#
loop_
_chem_comp.id
_chem_comp.type
_chem_comp.name
_chem_comp.formula
CAC non-polymer 'CACODYLATE ION' 'C2 H6 As O2 -1'
MPD non-polymer (4S)-2-METHYL-2,4-PENTANEDIOL 'C6 H14 O2'
NAG D-saccharide, beta linking 2-acetamido-2-deoxy-beta-D-glucopyranose 'C8 H15 N O6'
#
# COMPACT_ATOMS: atom_id res chain seq x y z
N ASP A 7 14.70 18.43 -29.66
CA ASP A 7 15.70 19.13 -28.84
C ASP A 7 16.72 18.14 -28.28
N ASP A 8 17.12 18.34 -27.02
CA ASP A 8 18.18 17.56 -26.41
C ASP A 8 17.76 17.04 -25.04
N VAL A 9 16.54 16.54 -24.92
CA VAL A 9 16.02 16.02 -23.66
C VAL A 9 15.99 14.49 -23.74
N PRO A 10 16.78 13.79 -22.94
CA PRO A 10 16.73 12.32 -22.94
C PRO A 10 15.46 11.82 -22.28
N PRO A 11 15.07 10.57 -22.56
CA PRO A 11 13.82 10.05 -21.99
C PRO A 11 13.91 9.88 -20.48
N TYR A 12 12.84 10.25 -19.80
CA TYR A 12 12.68 10.04 -18.38
C TYR A 12 11.21 9.81 -18.10
N PHE A 13 10.88 9.44 -16.87
CA PHE A 13 9.51 9.11 -16.52
C PHE A 13 8.92 10.21 -15.63
N LYS A 14 7.76 10.72 -16.04
CA LYS A 14 7.03 11.68 -15.23
C LYS A 14 6.34 11.00 -14.05
N THR A 15 5.73 9.86 -14.29
CA THR A 15 4.99 9.12 -13.28
C THR A 15 5.47 7.68 -13.28
N GLU A 16 5.60 7.10 -12.09
CA GLU A 16 6.17 5.77 -12.12
C GLU A 16 5.13 4.74 -11.68
N PRO A 17 5.18 3.53 -12.25
CA PRO A 17 4.13 2.56 -11.98
C PRO A 17 4.22 1.99 -10.58
N VAL A 18 3.07 1.52 -10.07
CA VAL A 18 3.06 0.81 -8.81
C VAL A 18 3.85 -0.49 -8.97
N ARG A 19 4.59 -0.86 -7.92
CA ARG A 19 5.44 -2.04 -8.03
C ARG A 19 4.63 -3.32 -8.18
N THR A 20 3.55 -3.47 -7.43
CA THR A 20 2.72 -4.66 -7.51
C THR A 20 1.25 -4.27 -7.53
N GLN A 21 0.47 -5.03 -8.30
CA GLN A 21 -0.96 -4.76 -8.41
C GLN A 21 -1.70 -6.07 -8.66
N VAL A 22 -2.80 -6.26 -7.93
CA VAL A 22 -3.62 -7.47 -8.01
C VAL A 22 -4.85 -7.19 -8.85
N HIS A 23 -5.13 -8.05 -9.82
CA HIS A 23 -6.28 -7.89 -10.70
C HIS A 23 -7.07 -9.19 -10.73
N LEU A 24 -8.33 -9.09 -11.13
CA LEU A 24 -9.20 -10.24 -11.28
C LEU A 24 -9.19 -10.73 -12.72
N GLU A 25 -9.31 -12.05 -12.88
CA GLU A 25 -9.51 -12.60 -14.22
C GLU A 25 -10.76 -12.01 -14.85
N GLY A 26 -10.70 -11.74 -16.14
CA GLY A 26 -11.81 -11.17 -16.85
C GLY A 26 -11.90 -9.65 -16.81
N ASN A 27 -11.11 -9.00 -15.98
CA ASN A 27 -11.08 -7.55 -15.96
C ASN A 27 -10.10 -7.01 -16.99
N ARG A 28 -10.24 -5.72 -17.28
CA ARG A 28 -9.37 -5.03 -18.21
C ARG A 28 -8.14 -4.49 -17.48
N LEU A 29 -6.98 -4.64 -18.10
CA LEU A 29 -5.72 -4.10 -17.57
C LEU A 29 -5.16 -3.10 -18.56
N VAL A 30 -4.81 -1.91 -18.07
CA VAL A 30 -4.20 -0.88 -18.88
C VAL A 30 -2.92 -0.45 -18.19
N LEU A 31 -1.77 -0.80 -18.78
CA LEU A 31 -0.49 -0.32 -18.32
C LEU A 31 -0.08 0.88 -19.16
N THR A 32 0.68 1.78 -18.54
CA THR A 32 1.00 3.06 -19.14
C THR A 32 2.50 3.32 -19.02
N CYS A 33 3.08 3.84 -20.09
CA CYS A 33 4.49 4.20 -20.15
C CYS A 33 4.55 5.72 -20.04
N MET A 34 4.42 6.21 -18.80
CA MET A 34 4.30 7.64 -18.52
C MET A 34 5.65 8.32 -18.64
N ALA A 35 6.17 8.33 -19.86
CA ALA A 35 7.50 8.87 -20.12
C ALA A 35 7.41 10.24 -20.78
N GLU A 36 8.40 11.07 -20.51
CA GLU A 36 8.56 12.37 -21.13
C GLU A 36 9.93 12.44 -21.77
N GLY A 37 10.09 13.34 -22.73
CA GLY A 37 11.37 13.53 -23.39
C GLY A 37 11.19 14.28 -24.68
N SER A 38 12.29 14.40 -25.41
CA SER A 38 12.25 15.04 -26.72
C SER A 38 11.50 14.17 -27.71
N TRP A 39 10.52 14.76 -28.38
CA TRP A 39 9.75 14.06 -29.41
C TRP A 39 10.63 13.81 -30.64
N PRO A 40 10.44 12.66 -31.28
CA PRO A 40 9.38 11.70 -30.96
C PRO A 40 9.79 10.60 -29.98
N LEU A 41 8.84 10.20 -29.13
CA LEU A 41 9.03 9.11 -28.19
C LEU A 41 8.42 7.82 -28.74
N GLU A 42 9.15 6.73 -28.60
CA GLU A 42 8.67 5.41 -28.99
C GLU A 42 8.67 4.50 -27.78
N PHE A 43 7.74 3.53 -27.78
CA PHE A 43 7.54 2.66 -26.64
C PHE A 43 7.42 1.21 -27.11
N LYS A 44 7.87 0.29 -26.26
CA LYS A 44 7.57 -1.11 -26.45
C LYS A 44 7.52 -1.78 -25.09
N TRP A 45 6.87 -2.94 -25.03
CA TRP A 45 6.51 -3.57 -23.77
C TRP A 45 7.14 -4.95 -23.63
N LEU A 46 7.51 -5.28 -22.39
CA LEU A 46 8.15 -6.55 -22.07
C LEU A 46 7.37 -7.23 -20.96
N HIS A 47 7.02 -8.49 -21.16
CA HIS A 47 6.45 -9.32 -20.11
C HIS A 47 7.45 -10.41 -19.75
N ASN A 48 7.78 -10.51 -18.46
CA ASN A 48 8.82 -11.40 -17.95
C ASN A 48 10.06 -11.33 -18.83
N ASN A 49 10.50 -10.09 -19.09
CA ASN A 49 11.74 -9.78 -19.80
C ASN A 49 11.75 -10.30 -21.24
N ARG A 50 10.58 -10.60 -21.79
CA ARG A 50 10.46 -10.99 -23.19
C ARG A 50 9.62 -9.94 -23.90
N GLU A 51 10.07 -9.51 -25.08
CA GLU A 51 9.34 -8.50 -25.84
C GLU A 51 7.93 -8.97 -26.15
N LEU A 52 6.96 -8.11 -25.91
CA LEU A 52 5.58 -8.32 -26.35
C LEU A 52 5.28 -7.62 -27.65
N THR A 53 5.83 -6.43 -27.85
CA THR A 53 5.54 -5.60 -29.00
C THR A 53 6.83 -5.06 -29.59
N ARG A 54 6.77 -4.66 -30.85
CA ARG A 54 7.82 -3.83 -31.41
C ARG A 54 7.61 -2.38 -30.97
N PHE A 55 8.61 -1.55 -31.23
CA PHE A 55 8.49 -0.14 -30.90
C PHE A 55 7.32 0.50 -31.64
N SER A 56 6.75 1.52 -31.01
CA SER A 56 5.52 2.12 -31.51
C SER A 56 5.34 3.46 -30.82
N LEU A 57 4.40 4.25 -31.32
CA LEU A 57 3.97 5.46 -30.65
C LEU A 57 2.95 5.19 -29.55
N GLU A 58 2.51 3.96 -29.42
CA GLU A 58 1.51 3.58 -28.42
C GLU A 58 2.15 3.43 -27.07
N TYR A 59 1.79 4.31 -26.13
CA TYR A 59 2.38 4.29 -24.80
C TYR A 59 1.63 3.40 -23.83
N ARG A 60 0.67 2.61 -24.32
CA ARG A 60 -0.16 1.76 -23.48
C ARG A 60 -0.06 0.32 -23.87
N TYR A 61 -0.18 -0.55 -22.89
CA TYR A 61 -0.41 -1.95 -23.12
C TYR A 61 -1.72 -2.33 -22.46
N MET A 62 -2.68 -2.77 -23.27
CA MET A 62 -4.01 -3.09 -22.80
C MET A 62 -4.28 -4.58 -22.97
N ILE A 63 -5.02 -5.14 -22.02
CA ILE A 63 -5.56 -6.49 -22.11
C ILE A 63 -7.04 -6.38 -21.80
N THR A 64 -7.90 -6.74 -22.77
CA THR A 64 -9.34 -6.61 -22.59
C THR A 64 -9.85 -7.50 -21.46
N SER A 65 -9.25 -8.67 -21.28
CA SER A 65 -9.77 -9.65 -20.33
C SER A 65 -8.60 -10.48 -19.82
N LEU A 66 -8.20 -10.22 -18.57
CA LEU A 66 -7.02 -10.86 -18.01
C LEU A 66 -7.24 -12.35 -17.76
N ASP A 67 -6.15 -13.10 -17.90
CA ASP A 67 -6.11 -14.53 -17.64
C ASP A 67 -5.01 -14.81 -16.63
N ARG A 68 -5.09 -15.98 -15.97
CA ARG A 68 -4.01 -16.40 -15.07
C ARG A 68 -2.66 -16.24 -15.74
N THR A 69 -2.57 -16.67 -17.00
CA THR A 69 -1.31 -16.64 -17.75
C THR A 69 -0.77 -15.23 -17.95
N HIS A 70 -1.61 -14.21 -17.85
CA HIS A 70 -1.12 -12.84 -18.03
C HIS A 70 -0.33 -12.33 -16.82
N ALA A 71 -0.26 -13.10 -15.74
CA ALA A 71 0.46 -12.63 -14.56
C ALA A 71 1.96 -12.64 -14.80
N GLY A 72 2.64 -11.70 -14.17
CA GLY A 72 4.09 -11.62 -14.25
C GLY A 72 4.55 -10.18 -14.24
N PHE A 73 5.75 -9.98 -14.75
CA PHE A 73 6.44 -8.69 -14.64
C PHE A 73 6.38 -7.94 -15.95
N TYR A 74 5.90 -6.70 -15.90
CA TYR A 74 5.74 -5.85 -17.06
C TYR A 74 6.57 -4.59 -16.92
N ARG A 75 7.17 -4.17 -18.04
CA ARG A 75 7.89 -2.91 -18.10
C ARG A 75 7.93 -2.46 -19.55
N CYS A 76 7.97 -1.15 -19.76
CA CYS A 76 8.13 -0.59 -21.09
C CYS A 76 9.56 -0.11 -21.29
N ILE A 77 9.91 0.11 -22.55
CA ILE A 77 11.14 0.79 -22.94
C ILE A 77 10.73 2.01 -23.74
N VAL A 78 11.12 3.19 -23.28
CA VAL A 78 10.92 4.41 -24.01
C VAL A 78 12.24 4.78 -24.67
N ARG A 79 12.17 5.39 -25.85
CA ARG A 79 13.35 5.64 -26.65
C ARG A 79 13.09 6.82 -27.58
N ASN A 80 14.08 7.68 -27.75
CA ASN A 80 14.07 8.67 -28.81
C ASN A 80 15.46 8.67 -29.46
N ARG A 81 15.77 9.75 -30.18
CA ARG A 81 17.04 9.80 -30.92
C ARG A 81 18.24 9.81 -30.00
N MET A 82 18.05 10.08 -28.71
CA MET A 82 19.16 10.21 -27.77
C MET A 82 19.46 8.90 -27.04
N GLY A 83 18.45 8.11 -26.71
CA GLY A 83 18.70 6.84 -26.06
C GLY A 83 17.41 6.15 -25.67
N ALA A 84 17.57 4.98 -25.06
CA ALA A 84 16.47 4.16 -24.60
C ALA A 84 16.56 3.98 -23.08
N LEU A 85 15.42 3.73 -22.44
CA LEU A 85 15.37 3.66 -20.99
C LEU A 85 14.33 2.66 -20.52
N LEU A 86 14.74 1.75 -19.64
CA LEU A 86 13.83 0.78 -19.04
C LEU A 86 12.95 1.43 -17.98
N GLN A 87 11.67 1.06 -17.99
CA GLN A 87 10.78 1.42 -16.90
C GLN A 87 11.01 0.51 -15.71
N ARG A 88 10.73 1.03 -14.52
CA ARG A 88 10.63 0.18 -13.35
C ARG A 88 9.57 -0.88 -13.59
N GLN A 89 9.91 -2.14 -13.29
CA GLN A 89 8.98 -3.22 -13.58
C GLN A 89 7.86 -3.25 -12.56
N THR A 90 6.68 -3.68 -13.00
CA THR A 90 5.51 -3.81 -12.15
C THR A 90 5.00 -5.24 -12.26
N GLU A 91 4.58 -5.80 -11.13
CA GLU A 91 4.12 -7.19 -11.10
C GLU A 91 2.61 -7.20 -11.13
N VAL A 92 2.06 -7.70 -12.23
CA VAL A 92 0.63 -7.98 -12.30
C VAL A 92 0.38 -9.34 -11.67
N GLN A 93 -0.42 -9.36 -10.61
CA GLN A 93 -0.83 -10.57 -9.93
C GLN A 93 -2.30 -10.80 -10.23
N VAL A 94 -2.62 -11.95 -10.81
CA VAL A 94 -3.97 -12.24 -11.26
C VAL A 94 -4.64 -13.19 -10.27
N ALA A 95 -5.81 -12.80 -9.78
CA ALA A 95 -6.51 -13.60 -8.79
C ALA A 95 -7.29 -14.71 -9.48
N TYR A 96 -7.08 -15.93 -9.03
CA TYR A 96 -7.67 -17.08 -9.72
C TYR A 96 -7.78 -18.23 -8.72
N MET A 97 -8.70 -19.14 -9.02
CA MET A 97 -8.83 -20.37 -8.26
C MET A 97 -9.04 -21.53 -9.22
N GLY A 98 -8.12 -22.48 -9.19
CA GLY A 98 -8.30 -23.72 -9.91
C GLY A 98 -9.27 -24.62 -9.19
N SER A 99 -9.28 -25.88 -9.59
CA SER A 99 -10.11 -26.90 -8.99
C SER A 99 -9.26 -27.80 -8.11
N PHE A 100 -9.91 -28.48 -7.18
CA PHE A 100 -9.19 -29.44 -6.34
C PHE A 100 -8.72 -30.60 -7.20
N GLU A 101 -7.45 -30.95 -7.03
CA GLU A 101 -6.75 -31.85 -7.94
C GLU A 101 -6.63 -33.28 -7.40
N GLU A 102 -7.30 -33.57 -6.28
CA GLU A 102 -7.22 -34.89 -5.67
C GLU A 102 -8.61 -35.49 -5.53
N GLY A 103 -8.67 -36.81 -5.54
CA GLY A 103 -9.89 -37.54 -5.29
C GLY A 103 -10.03 -37.94 -3.83
N GLU A 104 -10.97 -38.84 -3.60
CA GLU A 104 -11.27 -39.32 -2.25
C GLU A 104 -10.06 -40.05 -1.66
N LYS A 105 -9.81 -39.84 -0.38
CA LYS A 105 -8.79 -40.57 0.35
C LYS A 105 -9.37 -41.17 1.62
N ARG A 106 -8.75 -42.25 2.08
CA ARG A 106 -9.05 -42.88 3.36
C ARG A 106 -7.85 -42.74 4.28
N GLN A 107 -8.10 -42.54 5.56
CA GLN A 107 -7.03 -42.21 6.49
C GLN A 107 -7.39 -42.78 7.86
N SER A 108 -6.37 -43.20 8.61
CA SER A 108 -6.59 -43.77 9.92
C SER A 108 -5.60 -43.19 10.92
N VAL A 109 -6.06 -43.05 12.17
CA VAL A 109 -5.25 -42.51 13.25
C VAL A 109 -5.46 -43.36 14.50
N ASN A 110 -4.40 -43.51 15.28
CA ASN A 110 -4.51 -44.21 16.56
C ASN A 110 -5.27 -43.36 17.57
N HIS A 111 -6.02 -44.03 18.45
CA HIS A 111 -6.82 -43.32 19.45
C HIS A 111 -5.93 -42.45 20.32
N GLY A 112 -6.41 -41.24 20.60
CA GLY A 112 -5.66 -40.27 21.37
C GLY A 112 -4.61 -39.51 20.58
N GLU A 113 -4.26 -39.97 19.38
CA GLU A 113 -3.24 -39.31 18.58
C GLU A 113 -3.87 -38.23 17.71
N ALA A 114 -3.03 -37.33 17.24
CA ALA A 114 -3.49 -36.28 16.35
C ALA A 114 -3.70 -36.85 14.96
N ALA A 115 -4.87 -36.60 14.39
CA ALA A 115 -5.13 -36.93 12.99
C ALA A 115 -4.83 -35.68 12.15
N VAL A 116 -3.87 -35.80 11.25
CA VAL A 116 -3.46 -34.71 10.38
C VAL A 116 -4.01 -35.00 8.99
N ILE A 117 -4.87 -34.10 8.49
CA ILE A 117 -5.51 -34.27 7.19
C ILE A 117 -5.17 -33.04 6.37
N ARG A 118 -4.21 -33.17 5.46
CA ARG A 118 -3.83 -32.06 4.60
C ARG A 118 -4.97 -31.69 3.67
N ALA A 119 -5.13 -30.40 3.43
CA ALA A 119 -6.09 -29.97 2.44
C ALA A 119 -5.62 -30.43 1.06
N PRO A 120 -6.51 -31.00 0.24
CA PRO A 120 -6.10 -31.41 -1.11
C PRO A 120 -5.52 -30.24 -1.89
N ARG A 121 -4.58 -30.57 -2.78
CA ARG A 121 -3.87 -29.54 -3.54
C ARG A 121 -4.84 -28.75 -4.40
N ILE A 122 -4.60 -27.45 -4.51
CA ILE A 122 -5.39 -26.56 -5.34
C ILE A 122 -4.55 -25.33 -5.67
N SER A 123 -4.58 -24.92 -6.93
CA SER A 123 -3.86 -23.73 -7.37
C SER A 123 -4.74 -22.52 -7.17
N SER A 124 -4.20 -21.51 -6.50
CA SER A 124 -4.98 -20.33 -6.17
C SER A 124 -4.05 -19.17 -5.89
N PHE A 125 -4.31 -18.03 -6.51
CA PHE A 125 -3.74 -16.79 -5.99
C PHE A 125 -4.84 -15.82 -5.61
N PRO A 126 -4.78 -15.29 -4.37
CA PRO A 126 -3.83 -15.72 -3.34
C PRO A 126 -4.22 -17.08 -2.78
N ARG A 127 -3.42 -17.64 -1.89
CA ARG A 127 -3.81 -18.87 -1.24
C ARG A 127 -5.16 -18.65 -0.54
N PRO A 128 -6.04 -19.64 -0.55
CA PRO A 128 -7.40 -19.42 -0.04
C PRO A 128 -7.51 -19.67 1.45
N GLN A 129 -8.58 -19.14 2.02
CA GLN A 129 -9.00 -19.55 3.35
C GLN A 129 -9.96 -20.72 3.22
N VAL A 130 -10.06 -21.51 4.28
CA VAL A 130 -10.81 -22.76 4.20
C VAL A 130 -11.80 -22.88 5.35
N THR A 131 -12.85 -23.65 5.10
CA THR A 131 -13.73 -24.17 6.13
C THR A 131 -13.71 -25.69 6.02
N TRP A 132 -13.39 -26.35 7.13
CA TRP A 132 -13.42 -27.80 7.18
C TRP A 132 -14.79 -28.27 7.67
N PHE A 133 -15.21 -29.44 7.18
CA PHE A 133 -16.48 -30.01 7.57
C PHE A 133 -16.26 -31.43 8.09
N ARG A 134 -16.89 -31.75 9.20
CA ARG A 134 -17.00 -33.11 9.68
C ARG A 134 -18.43 -33.57 9.44
N ASP A 135 -18.59 -34.60 8.61
CA ASP A 135 -19.90 -35.16 8.31
C ASP A 135 -20.89 -34.06 7.92
N GLY A 136 -20.44 -33.20 7.02
CA GLY A 136 -21.27 -32.12 6.50
C GLY A 136 -21.39 -30.91 7.39
N ARG A 137 -20.74 -30.88 8.54
CA ARG A 137 -20.89 -29.80 9.50
C ARG A 137 -19.59 -29.05 9.71
N LYS A 138 -19.70 -27.73 9.76
CA LYS A 138 -18.55 -26.83 9.92
C LYS A 138 -17.81 -27.10 11.23
N ILE A 139 -16.48 -27.25 11.15
CA ILE A 139 -15.63 -27.39 12.33
C ILE A 139 -14.79 -26.13 12.51
N PRO A 140 -15.21 -25.15 13.31
CA PRO A 140 -14.34 -24.02 13.61
C PRO A 140 -13.17 -24.45 14.48
N PRO A 141 -12.09 -23.69 14.50
CA PRO A 141 -10.99 -23.98 15.42
C PRO A 141 -11.45 -23.93 16.86
N SER A 142 -10.85 -24.80 17.68
CA SER A 142 -11.17 -24.88 19.10
C SER A 142 -9.93 -25.38 19.84
N SER A 143 -10.10 -25.73 21.11
CA SER A 143 -8.98 -26.26 21.87
C SER A 143 -8.48 -27.58 21.29
N ARG A 144 -9.36 -28.31 20.61
CA ARG A 144 -9.05 -29.63 20.10
C ARG A 144 -8.95 -29.70 18.59
N ILE A 145 -9.30 -28.63 17.89
CA ILE A 145 -9.28 -28.59 16.43
C ILE A 145 -8.38 -27.44 15.99
N ALA A 146 -7.36 -27.75 15.21
CA ALA A 146 -6.45 -26.75 14.66
C ALA A 146 -6.51 -26.82 13.14
N ILE A 147 -6.63 -25.67 12.51
CA ILE A 147 -6.46 -25.53 11.06
C ILE A 147 -5.20 -24.70 10.84
N THR A 148 -4.20 -25.31 10.21
CA THR A 148 -2.89 -24.66 10.10
C THR A 148 -2.95 -23.51 9.10
N LEU A 149 -1.87 -22.73 9.08
CA LEU A 149 -1.74 -21.65 8.11
C LEU A 149 -1.74 -22.17 6.67
N GLU A 150 -1.37 -23.44 6.48
CA GLU A 150 -1.46 -24.09 5.18
C GLU A 150 -2.75 -24.86 5.00
N ASN A 151 -3.75 -24.59 5.85
CA ASN A 151 -5.11 -25.12 5.74
C ASN A 151 -5.22 -26.60 6.06
N THR A 152 -4.25 -27.15 6.80
CA THR A 152 -4.33 -28.54 7.20
C THR A 152 -5.19 -28.68 8.46
N LEU A 153 -6.06 -29.69 8.47
CA LEU A 153 -6.88 -29.98 9.64
C LEU A 153 -6.14 -30.93 10.56
N VAL A 154 -5.91 -30.49 11.80
CA VAL A 154 -5.26 -31.32 12.82
C VAL A 154 -6.28 -31.57 13.92
N ILE A 155 -6.73 -32.81 14.04
CA ILE A 155 -7.64 -33.23 15.10
C ILE A 155 -6.81 -33.78 16.25
N LEU A 156 -6.73 -33.02 17.33
CA LEU A 156 -5.95 -33.42 18.49
C LEU A 156 -6.71 -34.41 19.36
N SER A 157 -5.96 -35.31 20.00
CA SER A 157 -6.50 -36.28 20.94
C SER A 157 -7.76 -36.94 20.38
N THR A 158 -7.55 -37.68 19.30
CA THR A 158 -8.68 -38.25 18.57
C THR A 158 -9.44 -39.24 19.44
N VAL A 159 -10.76 -39.22 19.30
CA VAL A 159 -11.64 -40.14 19.99
C VAL A 159 -12.46 -40.87 18.92
N ALA A 160 -13.21 -41.89 19.36
CA ALA A 160 -14.04 -42.65 18.44
C ALA A 160 -14.97 -41.81 17.59
N PRO A 161 -15.71 -40.82 18.12
CA PRO A 161 -16.60 -40.04 17.25
C PRO A 161 -15.88 -39.25 16.17
N ASP A 162 -14.56 -39.09 16.26
CA ASP A 162 -13.83 -38.41 15.20
C ASP A 162 -13.83 -39.19 13.91
N ALA A 163 -14.19 -40.47 13.95
CA ALA A 163 -14.35 -41.25 12.73
C ALA A 163 -15.48 -40.68 11.89
N GLY A 164 -15.18 -40.37 10.63
CA GLY A 164 -16.16 -39.76 9.76
C GLY A 164 -15.53 -39.27 8.48
N ARG A 165 -16.28 -38.43 7.77
CA ARG A 165 -15.85 -37.87 6.51
C ARG A 165 -15.53 -36.40 6.69
N TYR A 166 -14.38 -35.98 6.19
CA TYR A 166 -13.92 -34.61 6.28
C TYR A 166 -13.64 -34.08 4.90
N TYR A 167 -14.25 -32.95 4.56
CA TYR A 167 -13.96 -32.26 3.31
C TYR A 167 -13.78 -30.78 3.62
N VAL A 168 -13.24 -30.06 2.65
CA VAL A 168 -12.82 -28.68 2.87
C VAL A 168 -13.37 -27.81 1.75
N GLN A 169 -13.87 -26.64 2.12
CA GLN A 169 -14.34 -25.64 1.17
C GLN A 169 -13.37 -24.46 1.20
N ALA A 170 -12.88 -24.08 0.03
CA ALA A 170 -11.85 -23.06 -0.08
C ALA A 170 -12.43 -21.82 -0.74
N VAL A 171 -12.03 -20.65 -0.26
CA VAL A 171 -12.55 -19.38 -0.74
C VAL A 171 -11.39 -18.45 -1.04
N ASN A 172 -11.35 -17.92 -2.26
CA ASN A 172 -10.38 -16.92 -2.67
C ASN A 172 -10.91 -15.55 -2.26
N ASP A 173 -10.13 -14.81 -1.47
CA ASP A 173 -10.64 -13.59 -0.84
C ASP A 173 -10.63 -12.39 -1.78
N LYS A 174 -10.06 -12.52 -2.98
CA LYS A 174 -10.02 -11.40 -3.93
C LYS A 174 -11.10 -11.48 -5.00
N ASN A 175 -11.50 -12.68 -5.41
CA ASN A 175 -12.58 -12.84 -6.38
C ASN A 175 -13.81 -13.56 -5.82
N GLY A 176 -13.71 -14.18 -4.65
CA GLY A 176 -14.86 -14.78 -4.02
C GLY A 176 -15.18 -16.20 -4.47
N ASP A 177 -14.34 -16.81 -5.29
CA ASP A 177 -14.59 -18.17 -5.74
C ASP A 177 -14.56 -19.13 -4.56
N ASN A 178 -15.44 -20.13 -4.59
CA ASN A 178 -15.41 -21.22 -3.65
C ASN A 178 -15.33 -22.55 -4.39
N LYS A 179 -14.59 -23.50 -3.80
CA LYS A 179 -14.40 -24.83 -4.35
C LYS A 179 -14.57 -25.83 -3.23
N THR A 180 -14.98 -27.05 -3.59
CA THR A 180 -15.25 -28.09 -2.63
C THR A 180 -14.40 -29.32 -2.93
N SER A 181 -13.65 -29.78 -1.94
CA SER A 181 -12.76 -30.91 -2.12
C SER A 181 -13.53 -32.23 -2.09
N GLN A 182 -12.85 -33.29 -2.53
CA GLN A 182 -13.33 -34.63 -2.27
C GLN A 182 -13.11 -34.96 -0.79
N PRO A 183 -13.93 -35.83 -0.22
CA PRO A 183 -13.86 -36.06 1.23
C PRO A 183 -12.72 -37.01 1.60
N ILE A 184 -12.28 -36.86 2.85
CA ILE A 184 -11.34 -37.78 3.49
C ILE A 184 -12.12 -38.56 4.53
N THR A 185 -12.04 -39.89 4.46
CA THR A 185 -12.66 -40.74 5.47
C THR A 185 -11.61 -41.08 6.52
N LEU A 186 -11.89 -40.74 7.77
CA LEU A 186 -10.97 -40.96 8.88
C LEU A 186 -11.47 -42.12 9.74
N ALA A 187 -10.60 -43.08 9.99
CA ALA A 187 -10.89 -44.18 10.90
C ALA A 187 -10.03 -44.05 12.15
N VAL A 188 -10.63 -44.34 13.31
CA VAL A 188 -9.93 -44.27 14.60
C VAL A 188 -9.75 -45.68 15.12
N GLU A 189 -8.51 -46.00 15.50
CA GLU A 189 -8.13 -47.33 15.97
C GLU A 189 -7.83 -47.28 17.47
N ASN A 190 -8.35 -48.26 18.20
CA ASN A 190 -8.09 -48.34 19.64
C ASN A 190 -6.76 -49.03 19.92
N THR A 194 -6.48 -46.93 26.81
CA THR A 194 -6.67 -45.64 26.14
C THR A 194 -7.18 -44.58 27.11
N HIS A 195 -7.16 -44.89 28.40
CA HIS A 195 -7.52 -43.91 29.41
C HIS A 195 -6.34 -43.07 29.87
N GLU A 196 -5.12 -43.51 29.59
CA GLU A 196 -3.93 -42.91 30.16
C GLU A 196 -3.61 -41.57 29.50
N ALA A 197 -3.00 -40.69 30.29
CA ALA A 197 -2.55 -39.39 29.79
C ALA A 197 -1.43 -39.60 28.77
N MET A 198 -1.25 -38.58 27.92
CA MET A 198 -0.27 -38.65 26.82
C MET A 198 0.60 -37.41 26.85
N ALA A 199 1.92 -37.62 26.85
CA ALA A 199 2.86 -36.52 26.94
C ALA A 199 2.76 -35.62 25.72
N PRO A 200 3.03 -34.32 25.87
CA PRO A 200 2.96 -33.40 24.73
C PRO A 200 3.95 -33.78 23.63
N ILE A 201 3.45 -33.81 22.40
CA ILE A 201 4.27 -34.04 21.22
C ILE A 201 3.93 -32.96 20.21
N ILE A 202 4.92 -32.50 19.47
CA ILE A 202 4.71 -31.48 18.47
C ILE A 202 4.35 -32.16 17.16
N VAL A 203 3.17 -31.81 16.64
CA VAL A 203 2.57 -32.47 15.49
C VAL A 203 2.82 -31.70 14.21
N VAL A 204 2.76 -30.39 14.28
CA VAL A 204 3.13 -29.50 13.17
C VAL A 204 4.13 -28.50 13.74
N ALA A 205 5.33 -28.60 13.31
CA ALA A 205 6.34 -27.71 13.85
C ALA A 205 6.36 -26.40 13.09
N PRO A 206 6.81 -25.31 13.71
CA PRO A 206 7.06 -24.09 12.94
C PRO A 206 8.24 -24.31 12.01
N GLY A 207 8.21 -23.64 10.87
CA GLY A 207 9.29 -23.69 9.94
C GLY A 207 10.10 -22.41 9.99
N ASN A 208 11.30 -22.46 9.42
CA ASN A 208 12.03 -21.23 9.18
C ASN A 208 11.20 -20.33 8.27
N ARG A 209 11.34 -19.01 8.46
CA ARG A 209 10.46 -18.04 7.82
C ARG A 209 11.28 -16.80 7.45
N SER A 210 11.17 -16.37 6.20
CA SER A 210 11.81 -15.13 5.76
C SER A 210 10.74 -14.19 5.23
N VAL A 211 10.89 -12.90 5.55
CA VAL A 211 9.88 -11.90 5.23
C VAL A 211 10.57 -10.60 4.83
N VAL A 212 9.94 -9.89 3.89
CA VAL A 212 10.50 -8.67 3.34
C VAL A 212 10.34 -7.54 4.34
N ALA A 213 11.43 -6.81 4.58
CA ALA A 213 11.45 -5.75 5.59
C ALA A 213 10.34 -4.75 5.35
N GLY A 214 9.74 -4.27 6.44
CA GLY A 214 8.67 -3.31 6.39
C GLY A 214 7.27 -3.91 6.34
N SER A 215 7.17 -5.22 6.20
CA SER A 215 5.86 -5.86 6.08
C SER A 215 5.04 -5.67 7.36
N SER A 216 3.72 -5.83 7.21
CA SER A 216 2.82 -5.59 8.33
C SER A 216 2.93 -6.67 9.39
N GLU A 217 3.01 -7.93 8.98
CA GLU A 217 2.95 -9.03 9.93
C GLU A 217 3.50 -10.30 9.30
N THR A 218 3.93 -11.20 10.18
CA THR A 218 4.24 -12.58 9.81
C THR A 218 3.84 -13.46 10.98
N THR A 219 3.35 -14.66 10.68
CA THR A 219 2.77 -15.50 11.71
C THR A 219 3.51 -16.83 11.77
N LEU A 220 3.93 -17.21 12.97
CA LEU A 220 4.49 -18.52 13.24
C LEU A 220 3.40 -19.41 13.82
N GLU A 221 3.54 -20.71 13.58
CA GLU A 221 2.53 -21.65 14.03
C GLU A 221 3.18 -22.90 14.60
N CYS A 222 2.57 -23.44 15.64
CA CYS A 222 3.07 -24.60 16.34
C CYS A 222 1.88 -25.34 16.90
N ILE A 223 1.75 -26.61 16.56
CA ILE A 223 0.58 -27.40 16.92
C ILE A 223 1.05 -28.68 17.61
N ALA A 224 0.56 -28.89 18.82
CA ALA A 224 0.99 -30.01 19.64
C ALA A 224 -0.19 -30.87 20.04
N ASN A 225 0.10 -32.14 20.31
CA ASN A 225 -0.88 -33.10 20.81
C ASN A 225 -0.59 -33.38 22.28
N ALA A 226 -1.65 -33.76 23.01
CA ALA A 226 -1.56 -34.22 24.39
C ALA A 226 -2.95 -34.66 24.81
N ARG A 227 -3.02 -35.28 25.98
CA ARG A 227 -4.26 -35.78 26.53
C ARG A 227 -4.10 -35.84 28.06
N PRO A 228 -4.99 -35.17 28.80
CA PRO A 228 -6.19 -34.44 28.35
C PRO A 228 -5.86 -33.13 27.64
N VAL A 229 -6.48 -32.90 26.48
CA VAL A 229 -6.13 -31.73 25.68
C VAL A 229 -6.49 -30.44 26.41
N GLU A 230 -7.43 -30.48 27.34
CA GLU A 230 -7.82 -29.26 28.05
C GLU A 230 -6.71 -28.72 28.94
N GLU A 231 -5.74 -29.55 29.33
CA GLU A 231 -4.61 -29.12 30.12
C GLU A 231 -3.36 -28.91 29.28
N LEU A 232 -3.47 -29.00 27.96
CA LEU A 232 -2.35 -28.71 27.09
C LEU A 232 -2.16 -27.21 26.95
N SER A 233 -0.91 -26.76 27.05
CA SER A 233 -0.58 -25.33 27.04
C SER A 233 0.56 -25.11 26.06
N VAL A 234 0.29 -24.34 25.00
CA VAL A 234 1.28 -24.03 23.97
C VAL A 234 1.65 -22.56 24.08
N HIS A 235 2.92 -22.29 24.34
CA HIS A 235 3.41 -20.93 24.54
C HIS A 235 4.69 -20.74 23.75
N TRP A 236 4.99 -19.48 23.46
CA TRP A 236 6.14 -19.11 22.66
C TRP A 236 7.16 -18.37 23.51
N LYS A 237 8.44 -18.71 23.30
CA LYS A 237 9.56 -18.04 23.91
C LYS A 237 10.45 -17.46 22.82
N ARG A 238 10.93 -16.24 23.04
CA ARG A 238 12.04 -15.71 22.25
C ARG A 238 13.15 -15.31 23.22
N ASN A 239 14.35 -15.86 23.01
CA ASN A 239 15.47 -15.62 23.90
C ASN A 239 15.10 -15.97 25.34
N GLY A 240 14.29 -17.02 25.49
CA GLY A 240 13.83 -17.46 26.78
C GLY A 240 12.76 -16.59 27.41
N VAL A 241 12.21 -15.62 26.69
CA VAL A 241 11.19 -14.73 27.22
C VAL A 241 9.83 -15.18 26.74
N ARG A 242 8.94 -15.49 27.68
CA ARG A 242 7.56 -15.84 27.36
C ARG A 242 6.90 -14.70 26.59
N LEU A 243 6.52 -14.97 25.34
CA LEU A 243 5.88 -13.96 24.51
C LEU A 243 4.40 -13.84 24.89
N THR A 244 3.95 -12.62 25.15
CA THR A 244 2.63 -12.40 25.72
C THR A 244 1.65 -11.68 24.79
N SER A 245 2.11 -11.11 23.68
CA SER A 245 1.24 -10.42 22.75
C SER A 245 1.51 -10.90 21.33
N GLY A 246 0.48 -10.83 20.50
CA GLY A 246 0.49 -11.49 19.22
C GLY A 246 0.10 -12.94 19.26
N LEU A 247 -0.25 -13.47 20.43
CA LEU A 247 -0.70 -14.84 20.57
C LEU A 247 -2.19 -14.94 20.26
N HIS A 248 -2.58 -16.05 19.67
CA HIS A 248 -3.97 -16.40 19.43
C HIS A 248 -4.01 -17.87 19.01
N SER A 249 -5.20 -18.35 18.63
CA SER A 249 -5.41 -19.74 18.24
C SER A 249 -4.95 -20.69 19.35
N TYR A 250 -5.34 -20.38 20.59
CA TYR A 250 -5.08 -21.24 21.75
C TYR A 250 -3.58 -21.45 21.97
N GLY A 251 -2.79 -20.43 21.66
CA GLY A 251 -1.35 -20.49 21.78
C GLY A 251 -0.62 -20.93 20.54
N ARG A 252 -1.32 -21.47 19.54
CA ARG A 252 -0.68 -22.12 18.41
C ARG A 252 -0.05 -21.15 17.41
N ARG A 253 -0.52 -19.91 17.37
CA ARG A 253 -0.07 -18.93 16.39
C ARG A 253 0.54 -17.72 17.07
N LEU A 254 1.66 -17.24 16.52
CA LEU A 254 2.35 -16.08 17.04
C LEU A 254 2.54 -15.09 15.91
N THR A 255 1.80 -13.99 15.95
CA THR A 255 1.89 -12.93 14.95
C THR A 255 2.88 -11.87 15.41
N ILE A 256 3.97 -11.72 14.68
CA ILE A 256 4.93 -10.64 14.91
C ILE A 256 4.54 -9.48 14.02
N THR A 257 4.17 -8.36 14.64
CA THR A 257 3.73 -7.18 13.92
C THR A 257 4.91 -6.23 13.73
N ASN A 258 5.04 -5.71 12.51
CA ASN A 258 6.18 -4.90 12.11
C ASN A 258 7.51 -5.61 12.41
N PRO A 259 7.77 -6.74 11.78
CA PRO A 259 9.02 -7.47 12.07
C PRO A 259 10.24 -6.65 11.67
N THR A 260 11.13 -6.46 12.64
CA THR A 260 12.40 -5.78 12.43
C THR A 260 13.54 -6.68 12.90
N SER A 261 14.77 -6.16 12.93
CA SER A 261 15.89 -6.97 13.38
C SER A 261 15.74 -7.39 14.84
N ALA A 262 15.08 -6.56 15.64
CA ALA A 262 14.77 -6.94 17.02
C ALA A 262 13.85 -8.16 17.09
N ASP A 263 13.24 -8.55 15.97
CA ASP A 263 12.37 -9.72 15.92
C ASP A 263 12.99 -10.88 15.17
N THR A 264 14.15 -10.70 14.51
CA THR A 264 14.80 -11.82 13.85
C THR A 264 15.25 -12.86 14.87
N GLY A 265 15.68 -14.00 14.35
CA GLY A 265 16.29 -15.00 15.20
C GLY A 265 15.42 -16.20 15.51
N MET A 266 15.71 -16.85 16.63
CA MET A 266 15.14 -18.15 16.98
C MET A 266 13.97 -17.97 17.95
N TYR A 267 12.78 -18.33 17.48
CA TYR A 267 11.63 -18.48 18.35
C TYR A 267 11.49 -19.94 18.73
N VAL A 268 10.96 -20.18 19.92
CA VAL A 268 10.75 -21.52 20.46
C VAL A 268 9.31 -21.63 20.90
N CYS A 269 8.61 -22.67 20.45
CA CYS A 269 7.32 -23.00 21.02
C CYS A 269 7.48 -24.18 21.96
N GLU A 270 6.74 -24.13 23.06
CA GLU A 270 6.81 -25.11 24.12
C GLU A 270 5.40 -25.61 24.38
N ALA A 271 5.24 -26.92 24.47
CA ALA A 271 3.95 -27.53 24.77
C ALA A 271 4.08 -28.33 26.05
N THR A 272 3.37 -27.90 27.08
CA THR A 272 3.35 -28.60 28.37
C THR A 272 1.95 -29.14 28.63
N LEU A 273 1.90 -30.27 29.32
CA LEU A 273 0.65 -30.81 29.85
C LEU A 273 0.57 -30.37 31.30
N ARG A 274 -0.24 -29.35 31.55
CA ARG A 274 -0.26 -28.70 32.86
C ARG A 274 -0.56 -29.70 33.97
N GLY A 275 0.24 -29.63 35.04
CA GLY A 275 0.06 -30.48 36.19
C GLY A 275 0.74 -31.83 36.11
N SER A 276 1.31 -32.19 34.96
CA SER A 276 1.93 -33.48 34.77
C SER A 276 3.44 -33.39 35.01
N THR A 277 4.05 -34.56 35.18
CA THR A 277 5.51 -34.68 35.23
C THR A 277 6.10 -35.08 33.88
N PHE A 278 5.31 -34.96 32.81
CA PHE A 278 5.84 -35.22 31.47
C PHE A 278 6.84 -34.13 31.08
N GLU A 279 7.67 -34.46 30.12
CA GLU A 279 8.60 -33.47 29.60
C GLU A 279 7.91 -32.59 28.57
N PRO A 280 8.18 -31.29 28.55
CA PRO A 280 7.56 -30.42 27.55
C PRO A 280 8.16 -30.63 26.17
N ALA A 281 7.32 -30.48 25.15
CA ALA A 281 7.74 -30.59 23.76
C ALA A 281 8.10 -29.21 23.22
N ARG A 282 9.24 -29.13 22.52
CA ARG A 282 9.78 -27.87 22.06
C ARG A 282 10.20 -27.96 20.60
N ALA A 283 10.03 -26.85 19.88
CA ALA A 283 10.46 -26.76 18.49
C ALA A 283 10.94 -25.35 18.21
N ARG A 284 12.07 -25.26 17.50
CA ARG A 284 12.65 -23.98 17.12
C ARG A 284 12.20 -23.58 15.72
N ALA A 285 12.27 -22.29 15.47
CA ALA A 285 12.02 -21.75 14.14
C ALA A 285 12.76 -20.43 14.03
N PHE A 286 13.23 -20.11 12.83
CA PHE A 286 14.08 -18.95 12.61
C PHE A 286 13.42 -17.99 11.64
N LEU A 287 13.38 -16.72 12.03
CA LEU A 287 12.82 -15.65 11.22
C LEU A 287 13.94 -14.77 10.68
N SER A 288 13.95 -14.57 9.37
CA SER A 288 14.92 -13.70 8.70
C SER A 288 14.20 -12.56 8.01
N ILE A 289 14.86 -11.41 7.96
CA ILE A 289 14.32 -10.23 7.28
C ILE A 289 15.04 -10.06 5.96
N ILE A 290 14.29 -10.06 4.87
CA ILE A 290 14.84 -9.77 3.55
C ILE A 290 14.73 -8.28 3.30
N GLU A 291 15.88 -7.61 3.15
CA GLU A 291 15.89 -6.17 2.98
C GLU A 291 16.01 -5.82 1.51
N PRO A 292 15.03 -5.13 0.94
CA PRO A 292 15.07 -4.78 -0.48
C PRO A 292 16.26 -3.89 -0.80
N PRO A 293 16.72 -3.88 -2.05
CA PRO A 293 17.93 -3.14 -2.38
C PRO A 293 17.67 -1.64 -2.44
N TYR A 294 18.74 -0.87 -2.20
CA TYR A 294 18.70 0.57 -2.35
C TYR A 294 20.07 1.04 -2.78
N PHE A 295 20.11 2.17 -3.49
CA PHE A 295 21.38 2.71 -3.94
C PHE A 295 22.03 3.55 -2.85
N THR A 296 23.32 3.33 -2.63
CA THR A 296 24.12 4.22 -1.81
C THR A 296 24.93 5.19 -2.65
N ALA A 297 24.87 5.08 -3.98
CA ALA A 297 25.55 6.01 -4.88
C ALA A 297 24.87 5.95 -6.24
N GLU A 298 24.60 7.12 -6.81
CA GLU A 298 24.02 7.27 -8.13
C GLU A 298 24.88 8.18 -8.98
N PRO A 299 24.86 8.02 -10.29
CA PRO A 299 25.48 9.01 -11.17
C PRO A 299 24.66 10.29 -11.22
N GLU A 300 25.26 11.33 -11.76
CA GLU A 300 24.49 12.50 -12.14
C GLU A 300 23.51 12.12 -13.25
N SER A 301 22.46 12.91 -13.40
CA SER A 301 21.50 12.60 -14.45
C SER A 301 22.10 12.85 -15.83
N ARG A 302 23.06 13.75 -15.94
CA ARG A 302 23.73 14.04 -17.22
C ARG A 302 25.23 14.17 -16.96
N ILE A 303 26.03 13.53 -17.80
CA ILE A 303 27.48 13.53 -17.66
C ILE A 303 28.10 13.92 -19.00
N LEU A 304 29.00 14.89 -18.98
CA LEU A 304 29.73 15.31 -20.17
C LEU A 304 31.10 14.66 -20.16
N GLY A 305 31.41 13.95 -21.24
CA GLY A 305 32.68 13.28 -21.39
C GLY A 305 33.39 13.75 -22.65
N GLU A 306 34.71 13.64 -22.63
CA GLU A 306 35.57 14.03 -23.74
C GLU A 306 36.16 12.77 -24.38
N VAL A 307 36.28 12.79 -25.71
CA VAL A 307 36.84 11.64 -26.40
C VAL A 307 38.22 11.33 -25.83
N GLU A 308 38.54 10.03 -25.73
CA GLU A 308 39.81 9.50 -25.23
C GLU A 308 39.93 9.59 -23.72
N GLU A 309 39.05 10.35 -23.07
CA GLU A 309 39.05 10.42 -21.61
C GLU A 309 38.57 9.09 -21.03
N THR A 310 39.00 8.78 -19.82
CA THR A 310 38.56 7.59 -19.11
C THR A 310 37.50 7.98 -18.08
N MET A 311 36.35 7.30 -18.14
CA MET A 311 35.15 7.69 -17.42
C MET A 311 34.83 6.68 -16.33
N ASP A 312 34.31 7.17 -15.21
CA ASP A 312 33.79 6.32 -14.15
C ASP A 312 32.40 6.80 -13.77
N ILE A 313 31.40 5.95 -13.97
CA ILE A 313 30.02 6.25 -13.66
C ILE A 313 29.66 5.49 -12.37
N PRO A 314 29.46 6.18 -11.25
CA PRO A 314 29.24 5.46 -9.99
C PRO A 314 27.89 4.77 -9.93
N CYS A 315 27.87 3.63 -9.24
CA CYS A 315 26.62 2.97 -8.88
C CYS A 315 26.94 2.00 -7.76
N ARG A 316 26.35 2.23 -6.59
CA ARG A 316 26.54 1.37 -5.42
C ARG A 316 25.19 1.07 -4.80
N ALA A 317 25.02 -0.18 -4.36
CA ALA A 317 23.77 -0.57 -3.74
C ALA A 317 24.04 -1.42 -2.50
N MET A 318 23.03 -1.44 -1.63
CA MET A 318 23.04 -2.33 -0.48
C MET A 318 21.70 -3.06 -0.42
N GLY A 319 21.68 -4.14 0.35
CA GLY A 319 20.48 -4.94 0.46
C GLY A 319 20.79 -6.25 1.14
N VAL A 320 19.72 -6.92 1.55
CA VAL A 320 19.85 -8.22 2.22
C VAL A 320 18.86 -9.20 1.61
N PRO A 321 19.36 -10.20 0.86
CA PRO A 321 20.78 -10.47 0.58
C PRO A 321 21.46 -9.41 -0.29
N LEU A 322 22.78 -9.44 -0.35
CA LEU A 322 23.55 -8.46 -1.09
C LEU A 322 23.15 -8.45 -2.56
N PRO A 323 22.74 -7.31 -3.10
CA PRO A 323 22.10 -7.30 -4.43
C PRO A 323 23.10 -7.53 -5.54
N THR A 324 22.58 -7.98 -6.68
CA THR A 324 23.34 -8.05 -7.92
C THR A 324 23.14 -6.77 -8.72
N LEU A 325 24.23 -6.16 -9.15
CA LEU A 325 24.18 -4.95 -9.97
C LEU A 325 24.44 -5.30 -11.43
N GLN A 326 23.70 -4.64 -12.31
CA GLN A 326 23.73 -4.96 -13.73
C GLN A 326 23.49 -3.68 -14.52
N TRP A 327 24.30 -3.46 -15.54
CA TRP A 327 24.25 -2.23 -16.32
C TRP A 327 23.62 -2.47 -17.68
N TYR A 328 22.91 -1.46 -18.16
CA TYR A 328 22.32 -1.43 -19.48
C TYR A 328 22.73 -0.14 -20.18
N LYS A 329 23.01 -0.23 -21.47
CA LYS A 329 23.18 0.94 -22.32
C LYS A 329 22.06 0.92 -23.36
N ASP A 330 21.17 1.91 -23.28
CA ASP A 330 20.06 2.04 -24.23
C ASP A 330 19.23 0.75 -24.30
N ALA A 331 18.90 0.22 -23.11
CA ALA A 331 18.06 -0.97 -22.92
C ALA A 331 18.72 -2.25 -23.39
N VAL A 332 20.00 -2.24 -23.72
CA VAL A 332 20.76 -3.44 -24.05
C VAL A 332 21.69 -3.75 -22.88
N PRO A 333 21.67 -4.95 -22.33
CA PRO A 333 22.58 -5.27 -21.22
C PRO A 333 24.02 -5.35 -21.70
N LEU A 334 24.94 -4.90 -20.84
CA LEU A 334 26.34 -4.79 -21.23
C LEU A 334 26.93 -6.15 -21.56
N SER A 335 26.51 -7.19 -20.85
CA SER A 335 26.95 -8.54 -21.16
C SER A 335 26.70 -8.87 -22.64
N LYS A 336 25.55 -8.47 -23.17
CA LYS A 336 25.25 -8.73 -24.57
C LYS A 336 26.09 -7.87 -25.50
N LEU A 337 26.33 -6.61 -25.12
CA LEU A 337 27.15 -5.73 -25.95
C LEU A 337 28.57 -6.27 -26.08
N GLN A 338 29.12 -6.84 -25.01
CA GLN A 338 30.50 -7.33 -24.99
C GLN A 338 31.48 -6.29 -25.51
N ASN A 339 31.29 -5.05 -25.08
CA ASN A 339 32.17 -3.96 -25.47
C ASN A 339 33.46 -4.04 -24.66
N PRO A 340 34.61 -4.28 -25.30
CA PRO A 340 35.86 -4.50 -24.53
C PRO A 340 36.33 -3.29 -23.76
N ARG A 341 35.79 -2.10 -24.00
CA ARG A 341 36.17 -0.92 -23.25
C ARG A 341 35.30 -0.67 -22.02
N TYR A 342 34.20 -1.40 -21.87
CA TYR A 342 33.35 -1.29 -20.70
C TYR A 342 33.73 -2.35 -19.67
N LYS A 343 33.76 -1.95 -18.41
CA LYS A 343 34.04 -2.88 -17.33
C LYS A 343 33.27 -2.48 -16.07
N VAL A 344 32.61 -3.44 -15.45
CA VAL A 344 31.84 -3.20 -14.23
C VAL A 344 32.72 -3.51 -13.03
N LEU A 345 32.85 -2.53 -12.13
CA LEU A 345 33.72 -2.65 -10.98
C LEU A 345 33.02 -3.41 -9.87
N PRO A 346 33.78 -3.97 -8.91
CA PRO A 346 33.15 -4.71 -7.82
C PRO A 346 32.21 -3.88 -6.96
N SER A 347 32.38 -2.56 -6.92
CA SER A 347 31.44 -1.71 -6.18
C SER A 347 30.13 -1.52 -6.93
N GLY A 348 30.10 -1.83 -8.24
CA GLY A 348 28.95 -1.62 -9.08
C GLY A 348 29.15 -0.54 -10.13
N GLY A 349 30.06 0.39 -9.89
CA GLY A 349 30.30 1.45 -10.84
C GLY A 349 30.77 0.93 -12.19
N LEU A 350 30.51 1.72 -13.22
CA LEU A 350 30.86 1.38 -14.59
C LEU A 350 32.12 2.13 -15.01
N HIS A 351 33.12 1.39 -15.47
CA HIS A 351 34.40 1.95 -15.87
C HIS A 351 34.51 1.88 -17.39
N ILE A 352 34.59 3.05 -18.03
CA ILE A 352 34.78 3.16 -19.48
C ILE A 352 36.16 3.75 -19.73
N GLN A 353 36.88 3.18 -20.70
CA GLN A 353 38.12 3.76 -21.17
C GLN A 353 38.03 4.00 -22.67
N LYS A 354 38.87 4.91 -23.16
CA LYS A 354 38.90 5.32 -24.56
C LYS A 354 37.51 5.78 -25.02
N LEU A 355 36.96 6.73 -24.27
CA LEU A 355 35.62 7.24 -24.54
C LEU A 355 35.46 7.71 -25.98
N SER A 356 34.39 7.28 -26.63
CA SER A 356 34.12 7.51 -28.03
C SER A 356 32.73 8.11 -28.19
N PRO A 357 32.42 8.68 -29.36
CA PRO A 357 31.07 9.26 -29.56
C PRO A 357 29.93 8.24 -29.47
N GLU A 358 30.15 7.00 -29.89
CA GLU A 358 29.07 6.03 -29.78
C GLU A 358 28.81 5.59 -28.35
N ASP A 359 29.69 5.98 -27.41
CA ASP A 359 29.41 5.71 -26.00
C ASP A 359 28.33 6.60 -25.45
N SER A 360 28.05 7.73 -26.10
CA SER A 360 26.97 8.59 -25.63
C SER A 360 25.64 7.86 -25.74
N GLY A 361 24.75 8.16 -24.81
CA GLY A 361 23.48 7.48 -24.69
C GLY A 361 23.14 7.31 -23.23
N ILE A 362 22.08 6.54 -22.98
CA ILE A 362 21.62 6.30 -21.62
C ILE A 362 22.33 5.07 -21.06
N PHE A 363 23.01 5.24 -19.94
CA PHE A 363 23.51 4.12 -19.14
C PHE A 363 22.61 4.00 -17.91
N GLN A 364 22.05 2.82 -17.72
CA GLN A 364 21.08 2.59 -16.67
C GLN A 364 21.57 1.47 -15.76
N CYS A 365 21.51 1.69 -14.46
CA CYS A 365 21.97 0.75 -13.45
C CYS A 365 20.78 0.12 -12.76
N PHE A 366 20.84 -1.20 -12.57
CA PHE A 366 19.81 -1.93 -11.83
C PHE A 366 20.45 -2.66 -10.67
N ALA A 367 19.79 -2.61 -9.52
CA ALA A 367 20.16 -3.38 -8.34
C ALA A 367 18.94 -4.14 -7.87
N SER A 368 19.11 -5.43 -7.60
CA SER A 368 17.98 -6.26 -7.23
C SER A 368 18.43 -7.45 -6.40
N ASN A 369 17.58 -7.84 -5.46
CA ASN A 369 17.69 -9.13 -4.78
C ASN A 369 16.28 -9.69 -4.61
N GLU A 370 16.16 -10.72 -3.78
CA GLU A 370 14.88 -11.40 -3.61
C GLU A 370 13.77 -10.46 -3.17
N GLY A 371 14.11 -9.29 -2.63
CA GLY A 371 13.12 -8.42 -2.02
C GLY A 371 12.64 -7.27 -2.89
N GLY A 372 13.26 -7.08 -4.04
CA GLY A 372 12.84 -6.02 -4.95
C GLY A 372 13.98 -5.59 -5.84
N GLU A 373 13.70 -4.55 -6.62
CA GLU A 373 14.62 -4.03 -7.62
C GLU A 373 14.57 -2.51 -7.63
N VAL A 374 15.74 -1.89 -7.77
CA VAL A 374 15.82 -0.44 -7.94
C VAL A 374 16.67 -0.12 -9.16
N GLN A 375 16.45 1.08 -9.69
CA GLN A 375 17.13 1.53 -10.89
C GLN A 375 17.48 3.00 -10.78
N THR A 376 18.54 3.37 -11.49
CA THR A 376 18.97 4.75 -11.63
C THR A 376 19.67 4.84 -12.98
N HIS A 377 19.82 6.06 -13.49
CA HIS A 377 20.38 6.16 -14.83
C HIS A 377 21.00 7.52 -15.05
N THR A 378 21.70 7.64 -16.17
CA THR A 378 22.35 8.87 -16.57
C THR A 378 22.32 8.94 -18.09
N TYR A 379 22.41 10.16 -18.62
CA TYR A 379 22.72 10.35 -20.03
C TYR A 379 24.16 10.83 -20.12
N LEU A 380 24.97 10.07 -20.85
CA LEU A 380 26.35 10.44 -21.11
C LEU A 380 26.44 11.17 -22.45
N ASP A 381 27.15 12.29 -22.46
CA ASP A 381 27.40 13.03 -23.69
C ASP A 381 28.90 13.02 -23.94
N VAL A 382 29.28 12.63 -25.16
CA VAL A 382 30.69 12.59 -25.56
C VAL A 382 30.86 13.53 -26.75
N THR A 383 31.71 14.54 -26.57
CA THR A 383 31.96 15.56 -27.59
C THR A 383 33.45 15.62 -27.91
N ASN A 384 33.76 16.44 -28.92
CA ASN A 384 35.11 16.80 -29.39
C ASN A 384 35.65 15.81 -30.42
N ASP B 7 -21.83 -24.24 18.20
CA ASP B 7 -20.73 -24.30 19.17
C ASP B 7 -20.59 -23.00 19.94
N ASP B 8 -19.33 -22.62 20.18
CA ASP B 8 -18.98 -21.55 21.11
C ASP B 8 -17.86 -20.69 20.54
N VAL B 9 -17.86 -20.46 19.23
CA VAL B 9 -16.84 -19.63 18.60
C VAL B 9 -17.51 -18.36 18.10
N PRO B 10 -17.28 -17.22 18.75
CA PRO B 10 -17.80 -15.94 18.24
C PRO B 10 -17.13 -15.57 16.93
N PRO B 11 -17.73 -14.68 16.15
CA PRO B 11 -17.14 -14.33 14.86
C PRO B 11 -15.82 -13.58 15.03
N TYR B 12 -14.90 -13.85 14.10
CA TYR B 12 -13.69 -13.06 13.94
C TYR B 12 -13.25 -13.18 12.50
N PHE B 13 -12.24 -12.41 12.12
CA PHE B 13 -11.85 -12.31 10.73
C PHE B 13 -10.56 -13.07 10.48
N LYS B 14 -10.62 -14.04 9.56
CA LYS B 14 -9.43 -14.77 9.15
C LYS B 14 -8.44 -13.84 8.47
N THR B 15 -8.92 -12.96 7.61
CA THR B 15 -8.06 -11.98 6.94
C THR B 15 -8.83 -10.67 6.80
N GLU B 16 -8.09 -9.57 6.79
CA GLU B 16 -8.66 -8.25 6.70
C GLU B 16 -8.32 -7.62 5.36
N PRO B 17 -9.24 -6.83 4.79
CA PRO B 17 -9.03 -6.31 3.45
C PRO B 17 -7.95 -5.23 3.41
N VAL B 18 -7.40 -5.05 2.21
CA VAL B 18 -6.45 -3.97 1.98
C VAL B 18 -7.11 -2.62 2.29
N ARG B 19 -6.31 -1.68 2.81
CA ARG B 19 -6.88 -0.41 3.24
C ARG B 19 -7.44 0.38 2.06
N THR B 20 -6.67 0.51 0.99
CA THR B 20 -7.11 1.19 -0.22
C THR B 20 -6.86 0.31 -1.43
N GLN B 21 -7.78 0.35 -2.39
CA GLN B 21 -7.64 -0.40 -3.63
C GLN B 21 -8.19 0.43 -4.79
N VAL B 22 -7.45 0.44 -5.89
CA VAL B 22 -7.84 1.14 -7.11
C VAL B 22 -8.45 0.14 -8.08
N HIS B 23 -9.51 0.55 -8.77
CA HIS B 23 -10.15 -0.27 -9.78
C HIS B 23 -10.58 0.62 -10.93
N LEU B 24 -10.73 0.00 -12.11
CA LEU B 24 -11.14 0.72 -13.30
C LEU B 24 -12.66 0.73 -13.43
N GLU B 25 -13.20 1.86 -13.88
CA GLU B 25 -14.59 1.91 -14.29
C GLU B 25 -14.83 0.82 -15.32
N GLY B 26 -15.94 0.09 -15.16
CA GLY B 26 -16.29 -0.98 -16.07
C GLY B 26 -15.78 -2.35 -15.69
N ASN B 27 -14.90 -2.43 -14.69
CA ASN B 27 -14.39 -3.71 -14.21
C ASN B 27 -15.26 -4.24 -13.07
N ARG B 28 -15.09 -5.53 -12.78
CA ARG B 28 -15.83 -6.20 -11.73
C ARG B 28 -15.12 -6.02 -10.39
N LEU B 29 -15.88 -5.65 -9.37
CA LEU B 29 -15.41 -5.60 -7.99
C LEU B 29 -16.00 -6.77 -7.22
N VAL B 30 -15.16 -7.46 -6.45
CA VAL B 30 -15.61 -8.49 -5.52
C VAL B 30 -15.00 -8.19 -4.17
N LEU B 31 -15.85 -7.90 -3.19
CA LEU B 31 -15.42 -7.79 -1.81
C LEU B 31 -15.81 -9.05 -1.06
N THR B 32 -15.02 -9.40 -0.05
CA THR B 32 -15.26 -10.61 0.73
C THR B 32 -15.26 -10.28 2.22
N CYS B 33 -16.07 -11.06 2.95
CA CYS B 33 -16.18 -11.02 4.40
C CYS B 33 -15.56 -12.34 4.87
N MET B 34 -14.25 -12.32 5.13
CA MET B 34 -13.50 -13.56 5.39
C MET B 34 -13.55 -13.88 6.89
N ALA B 35 -14.73 -14.30 7.32
CA ALA B 35 -14.99 -14.52 8.74
C ALA B 35 -14.90 -15.99 9.10
N GLU B 36 -14.51 -16.23 10.35
CA GLU B 36 -14.59 -17.51 11.01
C GLU B 36 -15.63 -17.40 12.14
N GLY B 37 -16.17 -18.54 12.54
CA GLY B 37 -17.10 -18.54 13.66
C GLY B 37 -18.08 -19.69 13.54
N SER B 38 -18.84 -19.88 14.61
CA SER B 38 -19.82 -20.95 14.66
C SER B 38 -20.94 -20.72 13.67
N TRP B 39 -21.50 -21.81 13.17
CA TRP B 39 -22.73 -21.78 12.38
C TRP B 39 -23.87 -21.23 13.22
N PRO B 40 -24.73 -20.39 12.62
CA PRO B 40 -24.65 -19.91 11.24
C PRO B 40 -24.13 -18.49 11.12
N LEU B 41 -23.15 -18.28 10.25
CA LEU B 41 -22.65 -16.95 9.97
C LEU B 41 -23.50 -16.29 8.90
N GLU B 42 -23.93 -15.06 9.16
CA GLU B 42 -24.56 -14.21 8.17
C GLU B 42 -23.73 -12.95 7.99
N PHE B 43 -23.94 -12.29 6.87
CA PHE B 43 -23.12 -11.16 6.45
C PHE B 43 -24.01 -10.05 5.89
N LYS B 44 -23.56 -8.81 6.05
CA LYS B 44 -24.18 -7.69 5.36
C LYS B 44 -23.12 -6.63 5.11
N TRP B 45 -23.39 -5.76 4.16
CA TRP B 45 -22.37 -4.87 3.61
C TRP B 45 -22.78 -3.40 3.76
N LEU B 46 -21.78 -2.54 3.96
CA LEU B 46 -21.97 -1.11 4.09
C LEU B 46 -21.14 -0.36 3.06
N HIS B 47 -21.68 0.77 2.60
CA HIS B 47 -20.98 1.69 1.71
C HIS B 47 -21.07 3.07 2.33
N ASN B 48 -19.93 3.65 2.68
CA ASN B 48 -19.86 4.92 3.42
C ASN B 48 -20.76 4.88 4.65
N ASN B 49 -20.69 3.77 5.38
CA ASN B 49 -21.40 3.57 6.64
C ASN B 49 -22.92 3.57 6.47
N ARG B 50 -23.41 3.07 5.34
CA ARG B 50 -24.84 2.93 5.10
C ARG B 50 -25.12 1.55 4.51
N GLU B 51 -26.19 0.91 4.98
CA GLU B 51 -26.47 -0.47 4.61
C GLU B 51 -26.78 -0.60 3.13
N LEU B 52 -26.11 -1.55 2.48
CA LEU B 52 -26.41 -1.96 1.12
C LEU B 52 -27.29 -3.20 1.05
N THR B 53 -27.19 -4.08 2.04
CA THR B 53 -27.90 -5.35 2.05
C THR B 53 -28.33 -5.67 3.47
N ARG B 54 -29.28 -6.59 3.59
CA ARG B 54 -29.59 -7.18 4.89
C ARG B 54 -28.69 -8.39 5.12
N PHE B 55 -28.81 -8.98 6.31
CA PHE B 55 -28.00 -10.16 6.62
C PHE B 55 -28.42 -11.34 5.76
N SER B 56 -27.43 -12.05 5.23
CA SER B 56 -27.67 -13.20 4.38
C SER B 56 -26.48 -14.13 4.48
N LEU B 57 -26.57 -15.26 3.79
CA LEU B 57 -25.46 -16.21 3.71
C LEU B 57 -24.39 -15.79 2.72
N GLU B 58 -24.55 -14.65 2.04
CA GLU B 58 -23.64 -14.26 0.98
C GLU B 58 -22.46 -13.48 1.57
N TYR B 59 -21.31 -14.13 1.64
CA TYR B 59 -20.11 -13.49 2.14
C TYR B 59 -19.47 -12.56 1.12
N ARG B 60 -19.98 -12.53 -0.11
CA ARG B 60 -19.43 -11.69 -1.17
C ARG B 60 -20.27 -10.43 -1.35
N TYR B 61 -19.62 -9.37 -1.80
CA TYR B 61 -20.29 -8.22 -2.39
C TYR B 61 -19.68 -7.98 -3.75
N MET B 62 -20.52 -8.01 -4.80
CA MET B 62 -20.02 -7.94 -6.16
C MET B 62 -20.70 -6.81 -6.93
N ILE B 63 -19.88 -6.01 -7.62
CA ILE B 63 -20.35 -5.02 -8.59
C ILE B 63 -19.83 -5.47 -9.95
N THR B 64 -20.76 -5.78 -10.86
CA THR B 64 -20.36 -6.32 -12.17
C THR B 64 -19.60 -5.29 -12.99
N SER B 65 -20.08 -4.05 -13.03
CA SER B 65 -19.41 -2.99 -13.79
C SER B 65 -19.37 -1.73 -12.93
N LEU B 66 -18.16 -1.34 -12.51
CA LEU B 66 -17.99 -0.22 -11.60
C LEU B 66 -18.30 1.11 -12.28
N ASP B 67 -18.82 2.03 -11.48
CA ASP B 67 -19.04 3.42 -11.85
C ASP B 67 -18.31 4.30 -10.85
N ARG B 68 -17.98 5.53 -11.26
CA ARG B 68 -17.37 6.51 -10.36
C ARG B 68 -18.04 6.52 -9.00
N THR B 69 -19.38 6.55 -9.01
CA THR B 69 -20.18 6.69 -7.79
C THR B 69 -20.06 5.48 -6.86
N HIS B 70 -19.46 4.38 -7.32
CA HIS B 70 -19.20 3.25 -6.45
C HIS B 70 -17.96 3.47 -5.58
N ALA B 71 -17.19 4.52 -5.84
CA ALA B 71 -16.08 4.84 -4.97
C ALA B 71 -16.55 5.09 -3.55
N GLY B 72 -15.70 4.75 -2.59
CA GLY B 72 -15.98 5.03 -1.21
C GLY B 72 -15.51 3.90 -0.34
N PHE B 73 -15.93 3.96 0.92
CA PHE B 73 -15.49 3.02 1.93
C PHE B 73 -16.51 1.89 2.06
N TYR B 74 -16.02 0.65 2.08
CA TYR B 74 -16.85 -0.52 2.22
C TYR B 74 -16.40 -1.35 3.41
N ARG B 75 -17.37 -1.95 4.10
CA ARG B 75 -17.09 -2.89 5.16
C ARG B 75 -18.29 -3.82 5.28
N CYS B 76 -18.04 -5.01 5.80
CA CYS B 76 -19.10 -5.96 6.12
C CYS B 76 -19.27 -6.08 7.62
N ILE B 77 -20.44 -6.57 8.01
CA ILE B 77 -20.69 -7.03 9.37
C ILE B 77 -20.94 -8.52 9.29
N VAL B 78 -20.31 -9.27 10.20
CA VAL B 78 -20.54 -10.70 10.31
C VAL B 78 -21.25 -10.96 11.64
N ARG B 79 -22.04 -12.03 11.67
CA ARG B 79 -22.95 -12.26 12.78
C ARG B 79 -23.21 -13.75 12.90
N ASN B 80 -23.21 -14.25 14.14
CA ASN B 80 -23.81 -15.55 14.43
C ASN B 80 -24.62 -15.38 15.70
N ARG B 81 -25.02 -16.50 16.32
CA ARG B 81 -25.89 -16.43 17.49
C ARG B 81 -25.24 -15.72 18.66
N MET B 82 -23.91 -15.68 18.71
CA MET B 82 -23.20 -15.12 19.86
C MET B 82 -22.95 -13.63 19.75
N GLY B 83 -22.80 -13.09 18.54
CA GLY B 83 -22.57 -11.67 18.42
C GLY B 83 -22.30 -11.25 16.99
N ALA B 84 -22.00 -9.96 16.83
CA ALA B 84 -21.79 -9.34 15.53
C ALA B 84 -20.53 -8.49 15.56
N LEU B 85 -19.81 -8.47 14.43
CA LEU B 85 -18.49 -7.87 14.37
C LEU B 85 -18.34 -7.04 13.11
N LEU B 86 -17.77 -5.84 13.25
CA LEU B 86 -17.55 -4.94 12.13
C LEU B 86 -16.19 -5.18 11.51
N GLN B 87 -16.16 -5.35 10.19
CA GLN B 87 -14.90 -5.52 9.47
C GLN B 87 -14.12 -4.20 9.46
N ARG B 88 -12.81 -4.32 9.34
CA ARG B 88 -11.98 -3.17 9.03
C ARG B 88 -12.36 -2.63 7.67
N GLN B 89 -12.58 -1.32 7.59
CA GLN B 89 -13.12 -0.75 6.37
C GLN B 89 -12.02 -0.59 5.30
N THR B 90 -12.46 -0.61 4.04
CA THR B 90 -11.58 -0.50 2.88
C THR B 90 -12.08 0.64 2.00
N GLU B 91 -11.14 1.35 1.35
CA GLU B 91 -11.51 2.43 0.44
C GLU B 91 -11.36 1.94 -1.00
N VAL B 92 -12.48 1.86 -1.72
CA VAL B 92 -12.49 1.51 -3.12
C VAL B 92 -12.37 2.80 -3.93
N GLN B 93 -11.31 2.90 -4.71
CA GLN B 93 -11.07 4.05 -5.57
C GLN B 93 -11.27 3.63 -7.02
N VAL B 94 -12.15 4.35 -7.72
CA VAL B 94 -12.50 4.03 -9.10
C VAL B 94 -11.67 4.91 -10.02
N ALA B 95 -10.94 4.27 -10.92
CA ALA B 95 -10.12 5.00 -11.89
C ALA B 95 -10.96 5.41 -13.08
N TYR B 96 -10.94 6.69 -13.40
CA TYR B 96 -11.73 7.21 -14.50
C TYR B 96 -11.18 8.57 -14.88
N MET B 97 -11.58 9.03 -16.06
CA MET B 97 -11.24 10.37 -16.52
C MET B 97 -12.40 10.91 -17.32
N GLY B 98 -12.95 12.04 -16.88
CA GLY B 98 -14.04 12.67 -17.58
C GLY B 98 -13.55 13.41 -18.81
N SER B 99 -14.38 14.32 -19.28
CA SER B 99 -14.01 15.25 -20.33
C SER B 99 -13.71 16.61 -19.71
N PHE B 100 -13.10 17.49 -20.49
CA PHE B 100 -12.82 18.83 -20.00
C PHE B 100 -14.10 19.63 -19.92
N GLU B 101 -14.30 20.29 -18.78
CA GLU B 101 -15.57 20.93 -18.43
C GLU B 101 -15.66 22.38 -18.89
N GLU B 102 -14.70 22.86 -19.67
CA GLU B 102 -14.67 24.26 -20.07
C GLU B 102 -14.35 24.35 -21.56
N GLY B 103 -14.95 25.36 -22.21
CA GLY B 103 -14.67 25.65 -23.61
C GLY B 103 -13.44 26.52 -23.76
N GLU B 104 -13.39 27.26 -24.87
CA GLU B 104 -12.28 28.18 -25.09
C GLU B 104 -12.36 29.34 -24.12
N LYS B 105 -11.23 29.67 -23.50
CA LYS B 105 -11.14 30.79 -22.58
C LYS B 105 -10.20 31.85 -23.15
N ARG B 106 -10.43 33.10 -22.76
CA ARG B 106 -9.56 34.22 -23.10
C ARG B 106 -9.14 34.92 -21.83
N GLN B 107 -7.89 35.38 -21.80
CA GLN B 107 -7.30 35.89 -20.57
C GLN B 107 -6.39 37.06 -20.90
N SER B 108 -6.41 38.07 -20.04
CA SER B 108 -5.68 39.31 -20.28
C SER B 108 -4.80 39.63 -19.10
N VAL B 109 -3.51 39.90 -19.36
CA VAL B 109 -2.60 40.44 -18.38
C VAL B 109 -1.92 41.65 -19.00
N ASN B 110 -1.48 42.57 -18.15
CA ASN B 110 -0.72 43.72 -18.62
C ASN B 110 0.75 43.35 -18.71
N HIS B 111 1.47 44.08 -19.55
CA HIS B 111 2.89 43.81 -19.78
C HIS B 111 3.63 43.83 -18.46
N GLY B 112 4.48 42.83 -18.24
CA GLY B 112 5.26 42.70 -17.03
C GLY B 112 4.55 42.01 -15.89
N GLU B 113 3.23 41.89 -15.95
CA GLU B 113 2.50 41.16 -14.93
C GLU B 113 2.59 39.65 -15.16
N ALA B 114 2.34 38.89 -14.10
CA ALA B 114 2.36 37.45 -14.20
C ALA B 114 1.04 36.93 -14.78
N ALA B 115 1.15 35.98 -15.71
CA ALA B 115 0.01 35.28 -16.27
C ALA B 115 -0.17 33.97 -15.49
N VAL B 116 -1.23 33.90 -14.71
CA VAL B 116 -1.56 32.71 -13.93
C VAL B 116 -2.69 32.00 -14.66
N ILE B 117 -2.38 30.87 -15.29
CA ILE B 117 -3.32 30.15 -16.14
C ILE B 117 -3.58 28.79 -15.50
N ARG B 118 -4.77 28.65 -14.90
CA ARG B 118 -5.15 27.38 -14.29
C ARG B 118 -5.31 26.30 -15.36
N ALA B 119 -5.01 25.07 -14.98
CA ALA B 119 -5.35 23.95 -15.83
C ALA B 119 -6.87 23.86 -15.97
N PRO B 120 -7.39 23.65 -17.17
CA PRO B 120 -8.85 23.57 -17.34
C PRO B 120 -9.43 22.41 -16.54
N ARG B 121 -10.60 22.66 -15.93
CA ARG B 121 -11.19 21.70 -15.01
C ARG B 121 -11.49 20.37 -15.70
N ILE B 122 -11.03 19.29 -15.08
CA ILE B 122 -11.38 17.95 -15.51
C ILE B 122 -11.42 17.05 -14.28
N SER B 123 -12.44 16.22 -14.19
CA SER B 123 -12.58 15.26 -13.10
C SER B 123 -11.92 13.95 -13.52
N SER B 124 -11.20 13.36 -12.57
CA SER B 124 -10.40 12.18 -12.89
C SER B 124 -9.87 11.57 -11.60
N PHE B 125 -9.87 10.25 -11.52
CA PHE B 125 -9.04 9.59 -10.53
C PHE B 125 -8.14 8.58 -11.21
N PRO B 126 -6.85 8.60 -10.86
CA PRO B 126 -6.26 9.62 -9.98
C PRO B 126 -6.10 10.95 -10.70
N ARG B 127 -5.52 11.94 -10.04
CA ARG B 127 -5.31 13.22 -10.69
C ARG B 127 -4.33 13.01 -11.85
N PRO B 128 -4.62 13.56 -13.03
CA PRO B 128 -3.86 13.18 -14.23
C PRO B 128 -2.50 13.84 -14.32
N GLN B 129 -1.67 13.26 -15.17
CA GLN B 129 -0.43 13.89 -15.60
C GLN B 129 -0.77 14.94 -16.65
N VAL B 130 -0.40 16.19 -16.37
CA VAL B 130 -0.81 17.34 -17.18
C VAL B 130 0.44 17.96 -17.80
N THR B 131 0.45 18.04 -19.12
CA THR B 131 1.53 18.71 -19.86
C THR B 131 0.97 19.93 -20.56
N TRP B 132 1.66 21.06 -20.41
CA TRP B 132 1.26 22.31 -21.05
C TRP B 132 1.89 22.42 -22.44
N PHE B 133 1.10 22.97 -23.37
CA PHE B 133 1.51 23.13 -24.76
C PHE B 133 1.14 24.52 -25.25
N ARG B 134 1.92 25.05 -26.18
CA ARG B 134 1.58 26.28 -26.89
C ARG B 134 1.92 26.13 -28.36
N ASP B 135 0.92 26.24 -29.22
CA ASP B 135 1.09 26.16 -30.66
C ASP B 135 1.93 24.95 -31.05
N GLY B 136 1.42 23.77 -30.70
CA GLY B 136 2.06 22.52 -31.03
C GLY B 136 3.32 22.20 -30.25
N ARG B 137 3.90 23.15 -29.53
CA ARG B 137 5.14 22.95 -28.81
C ARG B 137 4.91 22.81 -27.32
N LYS B 138 5.84 22.14 -26.65
CA LYS B 138 5.74 21.77 -25.25
C LYS B 138 6.46 22.80 -24.39
N ILE B 139 5.87 23.15 -23.26
CA ILE B 139 6.30 24.28 -22.43
C ILE B 139 7.05 23.72 -21.23
N PRO B 140 8.35 23.97 -21.10
CA PRO B 140 9.10 23.44 -19.95
C PRO B 140 9.20 24.48 -18.84
N PRO B 141 9.25 24.05 -17.59
CA PRO B 141 9.54 25.00 -16.50
C PRO B 141 10.90 25.62 -16.67
N SER B 142 11.01 26.88 -16.28
CA SER B 142 12.28 27.62 -16.32
C SER B 142 12.25 28.65 -15.20
N SER B 143 13.27 29.51 -15.18
CA SER B 143 13.28 30.59 -14.19
C SER B 143 12.05 31.46 -14.33
N ARG B 144 11.66 31.79 -15.56
CA ARG B 144 10.52 32.66 -15.81
C ARG B 144 9.19 31.92 -15.86
N ILE B 145 9.20 30.61 -16.11
CA ILE B 145 7.98 29.83 -16.32
C ILE B 145 7.88 28.79 -15.20
N ALA B 146 6.84 28.91 -14.38
CA ALA B 146 6.61 27.97 -13.30
C ALA B 146 5.36 27.14 -13.58
N ILE B 147 5.39 25.88 -13.15
CA ILE B 147 4.22 25.00 -13.22
C ILE B 147 3.96 24.48 -11.81
N THR B 148 2.84 24.89 -11.22
CA THR B 148 2.57 24.63 -9.82
C THR B 148 2.22 23.16 -9.59
N LEU B 149 2.15 22.80 -8.31
CA LEU B 149 1.75 21.44 -7.93
C LEU B 149 0.36 21.11 -8.43
N GLU B 150 -0.50 22.11 -8.57
CA GLU B 150 -1.84 21.91 -9.12
C GLU B 150 -1.87 22.12 -10.64
N ASN B 151 -0.71 22.06 -11.29
CA ASN B 151 -0.59 22.13 -12.74
C ASN B 151 -0.99 23.49 -13.31
N THR B 152 -1.05 24.51 -12.47
CA THR B 152 -1.24 25.87 -12.98
C THR B 152 0.04 26.34 -13.66
N LEU B 153 -0.13 26.99 -14.80
CA LEU B 153 0.99 27.55 -15.56
C LEU B 153 1.14 29.02 -15.21
N VAL B 154 2.34 29.41 -14.78
CA VAL B 154 2.62 30.78 -14.37
C VAL B 154 3.72 31.33 -15.27
N ILE B 155 3.40 32.38 -16.00
CA ILE B 155 4.37 33.11 -16.82
C ILE B 155 4.70 34.40 -16.10
N LEU B 156 5.88 34.47 -15.51
CA LEU B 156 6.29 35.66 -14.78
C LEU B 156 6.75 36.74 -15.75
N SER B 157 6.45 37.99 -15.40
CA SER B 157 6.93 39.17 -16.13
C SER B 157 6.68 39.02 -17.63
N THR B 158 5.39 38.99 -18.00
CA THR B 158 5.01 38.72 -19.36
C THR B 158 5.59 39.74 -20.33
N VAL B 159 5.74 39.32 -21.59
CA VAL B 159 6.19 40.16 -22.69
C VAL B 159 5.30 39.89 -23.88
N ALA B 160 5.50 40.66 -24.95
CA ALA B 160 4.68 40.51 -26.15
C ALA B 160 4.71 39.10 -26.72
N PRO B 161 5.87 38.43 -26.87
CA PRO B 161 5.85 37.05 -27.38
C PRO B 161 5.06 36.06 -26.53
N ASP B 162 4.70 36.42 -25.29
CA ASP B 162 3.98 35.47 -24.44
C ASP B 162 2.55 35.23 -24.91
N ALA B 163 1.97 36.17 -25.64
CA ALA B 163 0.60 36.03 -26.10
C ALA B 163 0.48 34.87 -27.06
N GLY B 164 -0.59 34.08 -26.90
CA GLY B 164 -0.78 32.92 -27.75
C GLY B 164 -1.87 32.03 -27.19
N ARG B 165 -1.96 30.84 -27.77
CA ARG B 165 -2.97 29.85 -27.42
C ARG B 165 -2.32 28.73 -26.62
N TYR B 166 -2.79 28.54 -25.39
CA TYR B 166 -2.24 27.56 -24.47
C TYR B 166 -3.26 26.46 -24.18
N TYR B 167 -2.79 25.22 -24.15
CA TYR B 167 -3.67 24.09 -23.90
C TYR B 167 -2.88 22.98 -23.22
N VAL B 168 -3.60 22.07 -22.57
CA VAL B 168 -3.00 20.99 -21.79
C VAL B 168 -3.37 19.64 -22.39
N GLN B 169 -2.46 18.69 -22.23
CA GLN B 169 -2.77 17.27 -22.43
C GLN B 169 -2.80 16.61 -21.05
N ALA B 170 -3.93 15.99 -20.74
CA ALA B 170 -4.08 15.23 -19.50
C ALA B 170 -4.13 13.75 -19.84
N VAL B 171 -3.28 12.97 -19.17
CA VAL B 171 -3.25 11.52 -19.35
C VAL B 171 -3.46 10.86 -18.00
N ASN B 172 -4.45 9.98 -17.93
CA ASN B 172 -4.72 9.20 -16.74
C ASN B 172 -3.85 7.94 -16.76
N ASP B 173 -3.02 7.77 -15.73
CA ASP B 173 -2.02 6.71 -15.73
C ASP B 173 -2.57 5.35 -15.32
N LYS B 174 -3.83 5.26 -14.92
CA LYS B 174 -4.40 3.97 -14.55
C LYS B 174 -5.24 3.35 -15.66
N ASN B 175 -6.02 4.13 -16.40
CA ASN B 175 -6.74 3.61 -17.56
C ASN B 175 -6.16 4.10 -18.89
N GLY B 176 -5.15 4.97 -18.86
CA GLY B 176 -4.44 5.32 -20.07
C GLY B 176 -5.20 6.19 -21.05
N ASP B 177 -6.25 6.87 -20.62
CA ASP B 177 -7.02 7.72 -21.51
C ASP B 177 -6.38 9.11 -21.59
N ASN B 178 -6.33 9.66 -22.80
CA ASN B 178 -5.78 10.98 -23.05
C ASN B 178 -6.89 11.95 -23.41
N LYS B 179 -6.67 13.22 -23.08
CA LYS B 179 -7.61 14.29 -23.42
C LYS B 179 -6.82 15.56 -23.70
N THR B 180 -7.40 16.42 -24.53
CA THR B 180 -6.80 17.70 -24.87
C THR B 180 -7.85 18.79 -24.68
N SER B 181 -7.52 19.79 -23.87
CA SER B 181 -8.47 20.85 -23.55
C SER B 181 -8.60 21.83 -24.71
N GLN B 182 -9.62 22.68 -24.62
CA GLN B 182 -9.71 23.78 -25.55
C GLN B 182 -8.83 24.94 -25.07
N PRO B 183 -8.28 25.72 -25.98
CA PRO B 183 -7.19 26.63 -25.62
C PRO B 183 -7.65 27.80 -24.76
N ILE B 184 -6.74 28.27 -23.91
CA ILE B 184 -6.86 29.57 -23.27
C ILE B 184 -6.00 30.54 -24.08
N THR B 185 -6.63 31.58 -24.62
CA THR B 185 -5.93 32.57 -25.42
C THR B 185 -5.50 33.70 -24.51
N LEU B 186 -4.20 33.79 -24.24
CA LEU B 186 -3.64 34.83 -23.39
C LEU B 186 -3.32 36.06 -24.22
N ALA B 187 -3.77 37.22 -23.76
CA ALA B 187 -3.47 38.50 -24.37
C ALA B 187 -2.59 39.31 -23.44
N VAL B 188 -1.51 39.87 -23.98
CA VAL B 188 -0.64 40.77 -23.22
C VAL B 188 -0.95 42.19 -23.67
N GLU B 189 -1.50 42.98 -22.76
CA GLU B 189 -1.86 44.36 -23.04
C GLU B 189 -0.72 45.30 -22.67
N ASN B 190 -0.53 46.32 -23.50
CA ASN B 190 0.53 47.29 -23.25
C ASN B 190 0.03 48.43 -22.38
N VAL B 191 0.88 48.86 -21.45
CA VAL B 191 0.61 49.98 -20.56
C VAL B 191 1.89 50.79 -20.47
N GLY B 192 1.73 52.12 -20.36
CA GLY B 192 2.86 53.01 -20.55
C GLY B 192 3.72 53.32 -19.34
N GLY B 193 4.24 52.28 -18.68
CA GLY B 193 5.14 52.49 -17.57
C GLY B 193 6.12 51.35 -17.41
N THR B 194 6.42 50.65 -18.50
CA THR B 194 7.24 49.44 -18.46
C THR B 194 8.67 49.72 -18.04
N HIS B 195 9.07 50.99 -17.93
CA HIS B 195 10.38 51.32 -17.38
C HIS B 195 10.40 51.31 -15.86
N GLU B 196 9.24 51.41 -15.22
CA GLU B 196 9.16 51.49 -13.77
C GLU B 196 9.08 50.10 -13.15
N ALA B 197 9.63 49.98 -11.95
CA ALA B 197 9.64 48.71 -11.24
C ALA B 197 8.26 48.40 -10.69
N MET B 198 7.94 47.10 -10.67
CA MET B 198 6.70 46.61 -10.09
C MET B 198 6.97 46.04 -8.70
N ALA B 199 6.05 46.31 -7.78
CA ALA B 199 6.17 45.79 -6.43
C ALA B 199 6.12 44.26 -6.45
N PRO B 200 6.87 43.59 -5.59
CA PRO B 200 6.75 42.13 -5.50
C PRO B 200 5.36 41.74 -5.02
N ILE B 201 4.81 40.72 -5.65
CA ILE B 201 3.45 40.27 -5.38
C ILE B 201 3.44 38.76 -5.48
N ILE B 202 2.76 38.11 -4.52
CA ILE B 202 2.65 36.66 -4.53
C ILE B 202 1.46 36.31 -5.41
N VAL B 203 1.73 35.67 -6.55
CA VAL B 203 0.70 35.36 -7.52
C VAL B 203 0.09 33.98 -7.33
N VAL B 204 0.78 33.07 -6.64
CA VAL B 204 0.25 31.77 -6.28
C VAL B 204 0.67 31.51 -4.84
N ALA B 205 -0.27 31.60 -3.92
CA ALA B 205 0.04 31.49 -2.50
C ALA B 205 0.17 30.04 -2.07
N PRO B 206 0.98 29.78 -1.05
CA PRO B 206 0.95 28.45 -0.42
C PRO B 206 -0.32 28.30 0.40
N GLY B 207 -0.90 27.11 0.35
CA GLY B 207 -2.10 26.81 1.10
C GLY B 207 -1.78 26.08 2.40
N ASN B 208 -2.82 25.90 3.20
CA ASN B 208 -2.72 24.96 4.31
C ASN B 208 -2.46 23.56 3.76
N ARG B 209 -1.82 22.71 4.56
CA ARG B 209 -1.51 21.36 4.12
C ARG B 209 -1.52 20.41 5.31
N SER B 210 -2.26 19.33 5.18
CA SER B 210 -2.28 18.24 6.16
C SER B 210 -1.58 17.04 5.56
N VAL B 211 -0.70 16.40 6.33
CA VAL B 211 0.07 15.26 5.85
C VAL B 211 0.22 14.25 6.98
N VAL B 212 0.01 12.97 6.66
CA VAL B 212 0.18 11.92 7.65
C VAL B 212 1.66 11.81 8.00
N ALA B 213 1.95 11.80 9.31
CA ALA B 213 3.32 11.81 9.77
C ALA B 213 4.09 10.61 9.25
N GLY B 214 5.42 10.75 9.24
CA GLY B 214 6.28 9.69 8.77
C GLY B 214 6.33 9.50 7.27
N SER B 215 5.47 10.17 6.51
CA SER B 215 5.59 10.15 5.06
C SER B 215 6.91 10.80 4.67
N SER B 216 7.40 10.45 3.47
CA SER B 216 8.74 10.86 3.09
C SER B 216 8.86 12.37 2.94
N GLU B 217 7.85 13.02 2.37
CA GLU B 217 8.00 14.45 2.11
C GLU B 217 6.66 15.07 1.70
N THR B 218 6.47 16.32 2.10
CA THR B 218 5.38 17.17 1.63
C THR B 218 5.96 18.54 1.29
N THR B 219 5.37 19.19 0.28
CA THR B 219 5.96 20.39 -0.30
C THR B 219 4.97 21.54 -0.29
N LEU B 220 5.44 22.71 0.13
CA LEU B 220 4.72 23.96 -0.02
C LEU B 220 5.30 24.75 -1.19
N GLU B 221 4.47 25.59 -1.80
CA GLU B 221 4.83 26.26 -3.04
C GLU B 221 4.38 27.71 -3.00
N CYS B 222 5.26 28.61 -3.40
CA CYS B 222 4.98 30.04 -3.33
C CYS B 222 5.67 30.72 -4.51
N ILE B 223 4.88 31.31 -5.38
CA ILE B 223 5.37 31.91 -6.62
C ILE B 223 5.04 33.40 -6.60
N ALA B 224 6.03 34.23 -6.90
CA ALA B 224 5.88 35.66 -6.85
C ALA B 224 6.35 36.29 -8.16
N ASN B 225 5.88 37.50 -8.41
CA ASN B 225 6.19 38.28 -9.60
C ASN B 225 6.72 39.64 -9.18
N ALA B 226 7.49 40.27 -10.06
CA ALA B 226 7.96 41.64 -9.89
C ALA B 226 8.65 42.07 -11.17
N ARG B 227 9.12 43.32 -11.18
CA ARG B 227 9.89 43.82 -12.29
C ARG B 227 10.95 44.79 -11.76
N PRO B 228 12.22 44.61 -12.17
CA PRO B 228 12.71 43.52 -13.03
C PRO B 228 12.71 42.19 -12.29
N VAL B 229 12.06 41.17 -12.88
CA VAL B 229 11.98 39.87 -12.23
C VAL B 229 13.36 39.31 -11.94
N GLU B 230 14.40 39.84 -12.60
CA GLU B 230 15.77 39.42 -12.33
C GLU B 230 16.13 39.56 -10.85
N GLU B 231 15.62 40.60 -10.21
CA GLU B 231 16.01 40.93 -8.84
C GLU B 231 14.98 40.45 -7.81
N LEU B 232 14.04 39.62 -8.20
CA LEU B 232 13.06 39.07 -7.27
C LEU B 232 13.68 37.97 -6.41
N SER B 233 13.29 37.93 -5.14
CA SER B 233 13.80 36.94 -4.19
C SER B 233 12.64 36.35 -3.40
N VAL B 234 12.36 35.06 -3.61
CA VAL B 234 11.44 34.32 -2.76
C VAL B 234 12.24 33.60 -1.68
N HIS B 235 11.90 33.85 -0.41
CA HIS B 235 12.51 33.12 0.68
CA HIS B 235 12.52 33.21 0.74
C HIS B 235 11.44 32.64 1.64
N TRP B 236 11.76 31.57 2.36
CA TRP B 236 10.85 30.94 3.30
C TRP B 236 11.33 31.18 4.72
N LYS B 237 10.40 31.54 5.60
CA LYS B 237 10.71 31.81 7.00
C LYS B 237 9.79 30.98 7.88
N ARG B 238 10.38 30.39 8.92
CA ARG B 238 9.62 29.76 9.99
C ARG B 238 10.02 30.38 11.33
N ASN B 239 9.02 30.77 12.12
CA ASN B 239 9.24 31.44 13.40
C ASN B 239 10.17 32.63 13.23
N GLY B 240 10.01 33.34 12.12
CA GLY B 240 10.76 34.56 11.86
C GLY B 240 12.17 34.37 11.34
N VAL B 241 12.66 33.15 11.22
CA VAL B 241 14.02 32.87 10.77
C VAL B 241 13.95 32.32 9.35
N ARG B 242 14.70 32.94 8.44
CA ARG B 242 14.73 32.52 7.05
C ARG B 242 15.32 31.12 6.93
N LEU B 243 14.54 30.20 6.36
CA LEU B 243 15.01 28.84 6.13
C LEU B 243 16.11 28.82 5.09
N THR B 244 17.13 28.01 5.34
CA THR B 244 18.31 27.97 4.50
C THR B 244 18.48 26.64 3.77
N SER B 245 17.71 25.62 4.13
CA SER B 245 17.74 24.35 3.44
C SER B 245 16.30 23.85 3.33
N GLY B 246 16.12 22.77 2.57
CA GLY B 246 14.80 22.31 2.21
C GLY B 246 14.15 23.08 1.08
N LEU B 247 14.85 24.04 0.48
CA LEU B 247 14.32 24.82 -0.62
C LEU B 247 14.74 24.21 -1.95
N HIS B 248 13.92 24.46 -2.97
CA HIS B 248 14.28 24.13 -4.35
C HIS B 248 13.36 24.90 -5.28
N SER B 249 13.59 24.75 -6.58
CA SER B 249 12.83 25.42 -7.63
C SER B 249 12.89 26.93 -7.46
N TYR B 250 14.12 27.45 -7.42
CA TYR B 250 14.39 28.88 -7.27
C TYR B 250 13.83 29.43 -5.97
N GLY B 251 13.83 28.62 -4.92
CA GLY B 251 13.27 29.00 -3.65
C GLY B 251 11.76 29.06 -3.60
N ARG B 252 11.08 28.72 -4.69
CA ARG B 252 9.62 28.77 -4.71
C ARG B 252 9.00 27.58 -4.00
N ARG B 253 9.75 26.49 -3.83
CA ARG B 253 9.23 25.28 -3.20
C ARG B 253 10.01 24.96 -1.94
N LEU B 254 9.29 24.70 -0.85
CA LEU B 254 9.85 24.26 0.41
C LEU B 254 9.33 22.86 0.70
N THR B 255 10.23 21.90 0.86
CA THR B 255 9.86 20.52 1.12
C THR B 255 10.28 20.14 2.53
N ILE B 256 9.31 19.69 3.33
CA ILE B 256 9.55 19.16 4.66
C ILE B 256 9.64 17.64 4.53
N THR B 257 10.77 17.08 4.93
CA THR B 257 11.02 15.66 4.72
C THR B 257 10.88 14.90 6.03
N ASN B 258 10.18 13.76 5.97
CA ASN B 258 9.78 12.97 7.13
C ASN B 258 9.25 13.87 8.27
N PRO B 259 8.13 14.56 8.05
CA PRO B 259 7.66 15.52 9.05
C PRO B 259 7.22 14.83 10.33
N THR B 260 7.36 15.55 11.44
CA THR B 260 6.90 15.12 12.75
C THR B 260 6.09 16.25 13.36
N SER B 261 5.63 16.03 14.59
CA SER B 261 4.96 17.09 15.33
C SER B 261 5.82 18.35 15.42
N ALA B 262 7.14 18.19 15.41
CA ALA B 262 8.04 19.33 15.50
C ALA B 262 7.95 20.26 14.30
N ASP B 263 7.42 19.76 13.17
CA ASP B 263 7.28 20.56 11.96
C ASP B 263 5.90 21.17 11.81
N THR B 264 4.98 20.89 12.73
CA THR B 264 3.67 21.53 12.72
C THR B 264 3.82 23.03 12.92
N GLY B 265 2.94 23.80 12.26
CA GLY B 265 2.87 25.21 12.54
C GLY B 265 2.78 26.03 11.27
N MET B 266 3.05 27.33 11.42
CA MET B 266 2.88 28.30 10.36
C MET B 266 4.21 28.59 9.69
N TYR B 267 4.19 28.62 8.35
CA TYR B 267 5.34 29.00 7.54
C TYR B 267 4.96 30.21 6.70
N VAL B 268 5.91 31.13 6.55
CA VAL B 268 5.70 32.35 5.77
C VAL B 268 6.66 32.32 4.58
N CYS B 269 6.13 32.56 3.39
CA CYS B 269 6.98 32.86 2.25
C CYS B 269 6.98 34.36 2.03
N GLU B 270 8.13 34.87 1.60
CA GLU B 270 8.38 36.30 1.55
C GLU B 270 9.13 36.62 0.26
N ALA B 271 8.58 37.54 -0.52
CA ALA B 271 9.16 37.96 -1.78
C ALA B 271 9.63 39.40 -1.66
N THR B 272 10.91 39.64 -1.92
CA THR B 272 11.47 40.97 -1.93
C THR B 272 12.02 41.27 -3.33
N LEU B 273 12.19 42.56 -3.61
CA LEU B 273 12.87 43.01 -4.82
C LEU B 273 14.22 43.58 -4.39
N ARG B 274 15.30 42.83 -4.64
CA ARG B 274 16.60 43.18 -4.09
C ARG B 274 17.01 44.59 -4.50
N GLY B 275 17.54 45.34 -3.55
CA GLY B 275 17.94 46.70 -3.79
C GLY B 275 16.80 47.69 -3.93
N SER B 276 15.57 47.25 -3.70
CA SER B 276 14.43 48.15 -3.69
C SER B 276 14.04 48.45 -2.25
N THR B 277 13.12 49.40 -2.10
CA THR B 277 12.52 49.73 -0.82
C THR B 277 11.05 49.34 -0.80
N PHE B 278 10.68 48.37 -1.63
CA PHE B 278 9.33 47.85 -1.64
C PHE B 278 9.04 47.06 -0.38
N GLU B 279 7.81 47.18 0.12
CA GLU B 279 7.38 46.27 1.16
C GLU B 279 7.34 44.85 0.58
N PRO B 280 7.86 43.86 1.30
CA PRO B 280 7.88 42.50 0.76
C PRO B 280 6.49 41.87 0.80
N ALA B 281 6.16 41.13 -0.25
CA ALA B 281 4.93 40.37 -0.26
C ALA B 281 5.09 39.13 0.63
N ARG B 282 4.13 38.92 1.51
CA ARG B 282 4.17 37.81 2.45
C ARG B 282 2.87 37.02 2.37
N ALA B 283 2.97 35.71 2.60
CA ALA B 283 1.80 34.85 2.69
C ALA B 283 2.06 33.77 3.72
N ARG B 284 1.02 33.44 4.48
CA ARG B 284 1.10 32.40 5.51
C ARG B 284 0.63 31.07 4.96
N ALA B 285 1.23 30.00 5.45
CA ALA B 285 0.78 28.64 5.18
C ALA B 285 0.87 27.83 6.46
N PHE B 286 -0.09 26.95 6.68
CA PHE B 286 -0.18 26.19 7.92
C PHE B 286 -0.06 24.70 7.61
N LEU B 287 0.95 24.07 8.20
CA LEU B 287 1.27 22.67 7.97
C LEU B 287 0.88 21.87 9.21
N SER B 288 0.00 20.89 9.03
CA SER B 288 -0.47 20.05 10.11
C SER B 288 0.03 18.62 9.92
N ILE B 289 0.70 18.10 10.93
CA ILE B 289 1.26 16.75 10.90
C ILE B 289 0.32 15.82 11.66
N ILE B 290 -0.28 14.88 10.96
CA ILE B 290 -1.26 13.96 11.53
C ILE B 290 -0.57 12.64 11.83
N GLU B 291 -0.53 12.28 13.11
CA GLU B 291 -0.03 10.97 13.52
C GLU B 291 -1.22 10.04 13.66
N PRO B 292 -1.35 9.01 12.83
CA PRO B 292 -2.56 8.16 12.84
C PRO B 292 -2.70 7.39 14.15
N PRO B 293 -3.90 6.92 14.48
CA PRO B 293 -4.13 6.34 15.80
C PRO B 293 -3.51 4.96 15.93
N TYR B 294 -3.10 4.64 17.16
CA TYR B 294 -2.65 3.30 17.50
C TYR B 294 -3.05 3.02 18.93
N PHE B 295 -3.38 1.75 19.20
CA PHE B 295 -3.78 1.35 20.54
C PHE B 295 -2.56 1.26 21.45
N THR B 296 -2.66 1.89 22.62
CA THR B 296 -1.73 1.62 23.70
C THR B 296 -2.33 0.70 24.75
N ALA B 297 -3.63 0.42 24.66
CA ALA B 297 -4.26 -0.60 25.50
C ALA B 297 -5.40 -1.24 24.70
N GLU B 298 -5.50 -2.56 24.80
CA GLU B 298 -6.54 -3.35 24.16
C GLU B 298 -7.06 -4.37 25.15
N PRO B 299 -8.33 -4.78 25.00
CA PRO B 299 -8.86 -5.81 25.89
C PRO B 299 -8.43 -7.21 25.45
N GLU B 300 -8.56 -8.14 26.39
CA GLU B 300 -8.40 -9.55 26.04
C GLU B 300 -9.46 -9.96 25.03
N SER B 301 -9.10 -10.90 24.16
CA SER B 301 -9.98 -11.24 23.05
C SER B 301 -11.29 -11.86 23.54
N ARG B 302 -11.27 -12.51 24.70
CA ARG B 302 -12.48 -13.07 25.27
C ARG B 302 -12.46 -12.82 26.77
N ILE B 303 -13.61 -12.47 27.34
CA ILE B 303 -13.73 -12.05 28.73
C ILE B 303 -14.92 -12.75 29.36
N LEU B 304 -14.73 -13.30 30.55
CA LEU B 304 -15.82 -13.90 31.32
C LEU B 304 -16.07 -13.04 32.56
N GLY B 305 -17.28 -12.48 32.63
CA GLY B 305 -17.66 -11.71 33.79
C GLY B 305 -18.77 -12.38 34.58
N GLU B 306 -18.85 -12.04 35.86
CA GLU B 306 -19.92 -12.54 36.71
C GLU B 306 -21.10 -11.58 36.67
N VAL B 307 -22.30 -12.13 36.83
CA VAL B 307 -23.49 -11.29 36.88
C VAL B 307 -23.33 -10.28 38.02
N GLU B 308 -23.88 -9.08 37.81
CA GLU B 308 -23.86 -7.96 38.76
C GLU B 308 -22.49 -7.30 38.87
N GLU B 309 -21.46 -7.87 38.25
CA GLU B 309 -20.12 -7.30 38.32
C GLU B 309 -20.05 -5.97 37.60
N THR B 310 -19.20 -5.07 38.10
CA THR B 310 -18.87 -3.83 37.40
C THR B 310 -17.63 -4.10 36.55
N MET B 311 -17.81 -4.05 35.23
CA MET B 311 -16.80 -4.48 34.28
C MET B 311 -16.09 -3.26 33.67
N ASP B 312 -14.77 -3.32 33.64
CA ASP B 312 -13.94 -2.33 32.95
C ASP B 312 -13.27 -3.02 31.77
N ILE B 313 -13.68 -2.68 30.56
CA ILE B 313 -13.05 -3.18 29.34
C ILE B 313 -12.10 -2.11 28.84
N PRO B 314 -10.81 -2.38 28.73
CA PRO B 314 -9.86 -1.33 28.34
C PRO B 314 -9.92 -1.01 26.85
N CYS B 315 -9.61 0.24 26.55
CA CYS B 315 -9.32 0.69 25.19
C CYS B 315 -8.69 2.07 25.26
N ARG B 316 -7.46 2.18 24.78
CA ARG B 316 -6.70 3.43 24.82
C ARG B 316 -5.99 3.63 23.49
N ALA B 317 -5.93 4.88 23.02
CA ALA B 317 -5.32 5.15 21.74
C ALA B 317 -4.51 6.44 21.81
N MET B 318 -3.47 6.49 20.98
CA MET B 318 -2.57 7.63 20.89
C MET B 318 -2.47 8.08 19.44
N GLY B 319 -2.36 9.38 19.26
CA GLY B 319 -2.28 9.94 17.92
C GLY B 319 -2.54 11.43 17.95
N VAL B 320 -2.14 12.09 16.86
CA VAL B 320 -2.30 13.54 16.73
C VAL B 320 -3.13 13.87 15.49
N PRO B 321 -4.31 14.48 15.67
CA PRO B 321 -4.93 14.88 16.93
C PRO B 321 -5.32 13.69 17.79
N LEU B 322 -5.60 13.92 19.06
CA LEU B 322 -5.94 12.84 19.97
C LEU B 322 -7.11 12.05 19.40
N PRO B 323 -6.98 10.74 19.20
CA PRO B 323 -8.06 9.98 18.56
C PRO B 323 -9.31 9.96 19.42
N THR B 324 -10.46 10.02 18.76
CA THR B 324 -11.73 9.84 19.44
C THR B 324 -12.12 8.36 19.41
N LEU B 325 -12.63 7.87 20.53
CA LEU B 325 -12.94 6.46 20.69
C LEU B 325 -14.44 6.24 20.72
N GLN B 326 -14.89 5.19 20.04
CA GLN B 326 -16.31 4.87 19.93
C GLN B 326 -16.51 3.36 20.04
N TRP B 327 -17.48 2.96 20.85
CA TRP B 327 -17.74 1.56 21.14
C TRP B 327 -19.00 1.08 20.42
N TYR B 328 -18.95 -0.16 19.95
CA TYR B 328 -20.11 -0.85 19.42
C TYR B 328 -20.34 -2.11 20.23
N LYS B 329 -21.60 -2.45 20.44
CA LYS B 329 -21.98 -3.78 20.88
C LYS B 329 -22.70 -4.47 19.74
N ASP B 330 -22.15 -5.59 19.27
CA ASP B 330 -22.74 -6.35 18.17
C ASP B 330 -23.09 -5.42 17.00
N ALA B 331 -22.09 -4.63 16.59
CA ALA B 331 -22.16 -3.73 15.44
C ALA B 331 -23.20 -2.62 15.59
N VAL B 332 -23.65 -2.34 16.81
CA VAL B 332 -24.53 -1.22 17.10
C VAL B 332 -23.77 -0.23 17.96
N PRO B 333 -23.70 1.05 17.57
CA PRO B 333 -23.04 2.04 18.42
C PRO B 333 -23.77 2.24 19.72
N LEU B 334 -23.01 2.48 20.80
CA LEU B 334 -23.60 2.60 22.12
C LEU B 334 -24.52 3.80 22.23
N SER B 335 -24.29 4.84 21.42
CA SER B 335 -25.18 5.99 21.42
C SER B 335 -26.59 5.62 20.99
N LYS B 336 -26.72 4.65 20.08
CA LYS B 336 -28.05 4.19 19.71
C LYS B 336 -28.64 3.28 20.78
N LEU B 337 -27.80 2.47 21.44
CA LEU B 337 -28.30 1.60 22.50
C LEU B 337 -28.87 2.39 23.66
N GLN B 338 -28.23 3.52 24.00
CA GLN B 338 -28.61 4.35 25.15
C GLN B 338 -28.83 3.50 26.40
N ASN B 339 -27.83 2.67 26.71
CA ASN B 339 -27.87 1.80 27.86
C ASN B 339 -27.25 2.53 29.05
N PRO B 340 -28.02 2.89 30.08
CA PRO B 340 -27.46 3.71 31.16
C PRO B 340 -26.37 3.01 31.95
N ARG B 341 -26.24 1.69 31.82
CA ARG B 341 -25.17 0.96 32.50
C ARG B 341 -23.86 0.99 31.72
N TYR B 342 -23.89 1.37 30.44
CA TYR B 342 -22.68 1.53 29.65
C TYR B 342 -22.23 2.98 29.72
N LYS B 343 -21.01 3.22 30.21
CA LYS B 343 -20.41 4.54 30.21
C LYS B 343 -18.98 4.42 29.71
N VAL B 344 -18.59 5.34 28.83
CA VAL B 344 -17.25 5.34 28.24
C VAL B 344 -16.38 6.29 29.06
N LEU B 345 -15.34 5.74 29.67
CA LEU B 345 -14.44 6.54 30.50
C LEU B 345 -13.63 7.50 29.64
N PRO B 346 -13.19 8.63 30.20
CA PRO B 346 -12.37 9.57 29.42
C PRO B 346 -11.12 8.94 28.83
N SER B 347 -10.52 7.95 29.50
CA SER B 347 -9.40 7.23 28.91
C SER B 347 -9.79 6.42 27.69
N GLY B 348 -11.10 6.25 27.44
CA GLY B 348 -11.59 5.44 26.35
C GLY B 348 -12.10 4.08 26.76
N GLY B 349 -11.87 3.67 28.00
CA GLY B 349 -12.35 2.38 28.45
C GLY B 349 -13.87 2.33 28.55
N LEU B 350 -14.40 1.12 28.41
CA LEU B 350 -15.82 0.88 28.56
C LEU B 350 -16.10 0.41 29.98
N HIS B 351 -17.09 1.03 30.62
CA HIS B 351 -17.42 0.78 32.02
C HIS B 351 -18.86 0.29 32.11
N ILE B 352 -19.04 -0.98 32.45
CA ILE B 352 -20.36 -1.59 32.56
C ILE B 352 -20.63 -1.87 34.04
N GLN B 353 -21.73 -1.36 34.54
CA GLN B 353 -22.16 -1.66 35.90
C GLN B 353 -23.39 -2.55 35.87
N LYS B 354 -23.55 -3.34 36.94
CA LYS B 354 -24.60 -4.35 37.06
C LYS B 354 -24.70 -5.19 35.78
N LEU B 355 -23.64 -5.97 35.58
CA LEU B 355 -23.52 -6.83 34.40
C LEU B 355 -24.70 -7.79 34.31
N SER B 356 -25.23 -7.94 33.11
CA SER B 356 -26.46 -8.68 32.86
C SER B 356 -26.23 -9.74 31.79
N PRO B 357 -27.06 -10.78 31.76
CA PRO B 357 -26.90 -11.81 30.72
C PRO B 357 -26.99 -11.26 29.31
N GLU B 358 -27.81 -10.23 29.09
CA GLU B 358 -27.92 -9.66 27.75
C GLU B 358 -26.68 -8.86 27.35
N ASP B 359 -25.87 -8.42 28.32
CA ASP B 359 -24.61 -7.77 28.01
C ASP B 359 -23.64 -8.67 27.26
N SER B 360 -23.89 -9.98 27.22
CA SER B 360 -22.96 -10.86 26.54
C SER B 360 -23.00 -10.61 25.04
N GLY B 361 -21.85 -10.66 24.42
CA GLY B 361 -21.73 -10.42 23.01
C GLY B 361 -20.39 -9.77 22.70
N ILE B 362 -20.30 -9.22 21.50
CA ILE B 362 -19.07 -8.63 21.01
C ILE B 362 -19.10 -7.13 21.30
N PHE B 363 -18.11 -6.67 22.05
CA PHE B 363 -17.86 -5.25 22.23
C PHE B 363 -16.67 -4.86 21.36
N GLN B 364 -16.88 -3.86 20.51
CA GLN B 364 -15.90 -3.47 19.51
C GLN B 364 -15.54 -2.01 19.71
N CYS B 365 -14.24 -1.74 19.87
CA CYS B 365 -13.73 -0.40 20.14
C CYS B 365 -13.03 0.16 18.90
N PHE B 366 -13.44 1.36 18.48
CA PHE B 366 -12.86 2.04 17.34
C PHE B 366 -12.14 3.30 17.80
N ALA B 367 -10.90 3.49 17.33
CA ALA B 367 -10.13 4.69 17.57
C ALA B 367 -9.78 5.31 16.23
N SER B 368 -10.18 6.57 16.02
CA SER B 368 -10.02 7.20 14.72
C SER B 368 -9.68 8.67 14.87
N ASN B 369 -8.95 9.19 13.89
CA ASN B 369 -8.74 10.61 13.70
C ASN B 369 -8.66 10.86 12.19
N GLU B 370 -8.27 12.08 11.81
CA GLU B 370 -8.18 12.44 10.40
C GLU B 370 -7.24 11.53 9.62
N GLY B 371 -6.28 10.89 10.29
CA GLY B 371 -5.28 10.08 9.63
C GLY B 371 -5.55 8.60 9.57
N GLY B 372 -6.66 8.12 10.11
CA GLY B 372 -6.98 6.71 10.00
C GLY B 372 -7.95 6.27 11.08
N GLU B 373 -8.16 4.95 11.11
CA GLU B 373 -9.12 4.28 11.99
C GLU B 373 -8.52 2.94 12.38
N VAL B 374 -8.57 2.60 13.67
CA VAL B 374 -8.13 1.30 14.14
C VAL B 374 -9.20 0.72 15.06
N GLN B 375 -9.18 -0.60 15.20
CA GLN B 375 -10.25 -1.29 15.89
C GLN B 375 -9.72 -2.50 16.65
N THR B 376 -10.38 -2.79 17.76
CA THR B 376 -10.14 -3.99 18.54
C THR B 376 -11.48 -4.41 19.13
N HIS B 377 -11.56 -5.65 19.64
CA HIS B 377 -12.84 -6.12 20.13
C HIS B 377 -12.62 -7.23 21.15
N THR B 378 -13.71 -7.61 21.79
CA THR B 378 -13.73 -8.71 22.74
C THR B 378 -15.10 -9.35 22.71
N TYR B 379 -15.17 -10.60 23.16
CA TYR B 379 -16.43 -11.26 23.40
C TYR B 379 -16.60 -11.42 24.91
N LEU B 380 -17.73 -10.97 25.42
CA LEU B 380 -18.04 -11.02 26.84
C LEU B 380 -19.04 -12.12 27.13
N ASP B 381 -18.71 -13.00 28.06
CA ASP B 381 -19.63 -13.98 28.61
C ASP B 381 -20.04 -13.56 30.01
N VAL B 382 -21.32 -13.71 30.33
CA VAL B 382 -21.84 -13.40 31.66
C VAL B 382 -22.38 -14.68 32.25
N THR B 383 -21.85 -15.04 33.42
CA THR B 383 -22.22 -16.28 34.09
C THR B 383 -22.74 -16.00 35.49
N ASN B 384 -23.42 -16.99 36.05
CA ASN B 384 -23.92 -16.89 37.42
C ASN B 384 -22.85 -17.32 38.43
C1 NAG C . -5.37 27.31 7.87
C2 NAG C . -6.72 27.95 7.54
C3 NAG C . -7.07 29.02 8.56
C4 NAG C . -7.04 28.47 9.97
C5 NAG C . -5.66 27.83 10.24
C6 NAG C . -5.57 27.14 11.58
C7 NAG C . -7.04 27.80 5.11
C8 NAG C . -7.01 28.54 3.81
N2 NAG C . -6.73 28.51 6.20
O3 NAG C . -8.36 29.55 8.29
O4 NAG C . -7.25 29.55 10.88
O5 NAG C . -5.39 26.83 9.23
O6 NAG C . -4.98 25.85 11.48
O7 NAG C . -7.33 26.60 5.17
C1 NAG C . -8.19 29.29 11.94
C2 NAG C . -7.81 30.27 13.06
C3 NAG C . -8.73 30.07 14.27
C4 NAG C . -10.18 30.21 13.85
C5 NAG C . -10.49 29.26 12.69
C6 NAG C . -11.89 29.44 12.14
C7 NAG C . -5.43 30.81 12.90
C8 NAG C . -4.05 30.52 13.39
N2 NAG C . -6.42 30.09 13.43
O3 NAG C . -8.41 31.03 15.26
O4 NAG C . -11.04 29.94 14.94
O5 NAG C . -9.59 29.48 11.60
O6 NAG C . -12.71 30.17 13.05
O7 NAG C . -5.64 31.67 12.03
C1 NAG D . 16.63 -23.07 9.99
C2 NAG D . 17.00 -24.40 9.31
C3 NAG D . 18.16 -25.08 10.05
C4 NAG D . 19.35 -24.12 10.15
C5 NAG D . 18.91 -22.87 10.89
C6 NAG D . 20.02 -21.86 11.04
C7 NAG D . 15.49 -25.92 8.13
C8 NAG D . 16.32 -25.65 6.90
N2 NAG D . 15.86 -25.29 9.25
O3 NAG D . 18.55 -26.25 9.35
O4 NAG D . 20.45 -24.74 10.80
O5 NAG D . 17.84 -22.24 10.18
O6 NAG D . 19.67 -20.58 10.53
O7 NAG D . 14.52 -26.67 8.10
C1 NAG E . -19.89 -21.58 -4.54
C2 NAG E . -21.07 -20.60 -4.42
C3 NAG E . -22.26 -21.05 -5.28
C4 NAG E . -21.82 -21.37 -6.70
C5 NAG E . -20.68 -22.37 -6.66
C6 NAG E . -20.12 -22.71 -8.03
C7 NAG E . -21.03 -19.49 -2.22
C8 NAG E . -21.55 -19.51 -0.81
N2 NAG E . -21.47 -20.46 -3.03
O3 NAG E . -23.24 -20.02 -5.29
O4 NAG E . -22.91 -21.91 -7.43
O5 NAG E . -19.60 -21.80 -5.91
O6 NAG E . -18.83 -23.29 -7.92
O7 NAG E . -20.24 -18.63 -2.61
C1 MPD F . 3.02 10.50 -20.70
C2 MPD F . 2.73 10.48 -22.20
O2 MPD F . 3.87 9.93 -22.88
CM MPD F . 1.53 9.58 -22.47
C3 MPD F . 2.43 11.87 -22.71
C4 MPD F . 3.58 12.85 -22.46
O4 MPD F . 4.75 12.40 -23.12
C5 MPD F . 3.23 14.25 -22.95
AS CAC G . -4.92 -2.63 -6.80
O1 CAC G . -3.73 -3.85 -6.47
O2 CAC G . -6.51 -3.29 -6.54
C1 CAC G . -4.62 -1.11 -5.60
C2 CAC G . -4.77 -2.04 -8.67
C1 MPD H . -15.90 -16.71 3.36
C2 MPD H . -15.82 -17.39 4.72
O2 MPD H . -14.76 -16.75 5.50
CM MPD H . -17.14 -17.19 5.46
C3 MPD H . -15.53 -18.88 4.59
C4 MPD H . -14.12 -19.15 4.04
O4 MPD H . -13.13 -18.73 4.96
C5 MPD H . -13.93 -20.65 3.78
#